data_4F8B
#
_entry.id   4F8B
#
_cell.length_a   93.507
_cell.length_b   93.507
_cell.length_c   193.696
_cell.angle_alpha   90.00
_cell.angle_beta   90.00
_cell.angle_gamma   120.00
#
_symmetry.space_group_name_H-M   'P 32 2 1'
#
loop_
_entity.id
_entity.type
_entity.pdbx_description
1 polymer 'NADPH-dependent 7-cyano-7-deazaguanine reductase'
2 non-polymer 2-amino-5-[(Z)-iminomethyl]-3,7-dihydro-4H-pyrrolo[2,3-d]pyrimidin-4-one
3 non-polymer 'MAGNESIUM ION'
4 non-polymer 'PHOSPHATE ION'
5 non-polymer 2-{2-[2-(2-{2-[2-(2-ETHOXY-ETHOXY)-ETHOXY]-ETHOXY}-ETHOXY)-ETHOXY]-ETHOXY}-ETHANOL
6 water water
#
_entity_poly.entity_id   1
_entity_poly.type   'polypeptide(L)'
_entity_poly.pdbx_seq_one_letter_code
;MTTRKESELEGVTLLGNQGTNYLFEYAPDVLESFPNKHVNRDYFVKFNCPEFTSLCPKTGQPDFATIYISYIPDEKMVES
KSLKLYLFSFRNHGDFHEDCMNIIMNDLIELMDPRYIEVWGKFTPRGGISIDPYTNYGKPGTKYEKMAEYRMMNHDLYPE
TIDNR
;
_entity_poly.pdbx_strand_id   A,B,C,D,E
#
# COMPACT_ATOMS: atom_id res chain seq x y z
N ASN A 21 3.84 42.20 -9.03
CA ASN A 21 2.39 42.51 -9.28
C ASN A 21 1.46 41.60 -8.45
N TYR A 22 1.79 41.41 -7.16
CA TYR A 22 1.22 40.28 -6.35
C TYR A 22 0.81 40.59 -4.92
N LEU A 23 -0.50 40.60 -4.66
CA LEU A 23 -1.00 40.61 -3.29
C LEU A 23 -0.29 39.54 -2.42
N PHE A 24 0.50 39.97 -1.42
CA PHE A 24 1.13 39.05 -0.44
C PHE A 24 0.61 39.27 0.96
N GLU A 25 -0.23 40.30 1.15
CA GLU A 25 -1.14 40.38 2.30
C GLU A 25 -2.48 39.66 1.94
N TYR A 26 -3.12 39.08 2.94
CA TYR A 26 -4.29 38.20 2.77
C TYR A 26 -5.41 38.72 1.82
N ALA A 27 -5.85 37.91 0.86
CA ALA A 27 -6.70 38.40 -0.22
C ALA A 27 -7.77 37.44 -0.73
N PRO A 28 -8.83 37.15 0.06
CA PRO A 28 -9.80 36.16 -0.47
C PRO A 28 -10.53 36.64 -1.75
N ASP A 29 -10.67 37.95 -1.93
CA ASP A 29 -11.30 38.48 -3.16
C ASP A 29 -10.68 37.96 -4.45
N VAL A 30 -9.48 37.45 -4.38
CA VAL A 30 -8.78 36.88 -5.52
C VAL A 30 -9.37 35.57 -6.08
N LEU A 31 -9.93 34.75 -5.21
CA LEU A 31 -10.52 33.46 -5.56
C LEU A 31 -11.59 33.62 -6.65
N GLU A 32 -11.78 32.57 -7.43
CA GLU A 32 -12.56 32.71 -8.61
C GLU A 32 -13.08 31.31 -8.93
N SER A 33 -14.19 31.20 -9.67
CA SER A 33 -14.80 29.89 -9.87
C SER A 33 -15.26 29.81 -11.27
N PHE A 34 -15.51 28.61 -11.76
CA PHE A 34 -16.15 28.52 -13.06
C PHE A 34 -17.25 27.45 -12.87
N PRO A 35 -18.28 27.44 -13.73
CA PRO A 35 -19.35 26.41 -13.51
C PRO A 35 -18.82 25.00 -13.63
N ASN A 36 -19.37 24.07 -12.86
CA ASN A 36 -19.23 22.66 -13.10
C ASN A 36 -20.19 22.13 -14.18
N LYS A 37 -19.68 21.68 -15.32
CA LYS A 37 -20.53 21.10 -16.34
C LYS A 37 -21.00 19.64 -16.08
N HIS A 38 -20.71 19.07 -14.93
CA HIS A 38 -21.11 17.66 -14.70
C HIS A 38 -21.65 17.52 -13.26
N VAL A 39 -22.91 17.97 -13.06
CA VAL A 39 -23.48 18.09 -11.73
C VAL A 39 -24.15 16.79 -11.30
N ASN A 40 -24.38 15.91 -12.24
CA ASN A 40 -24.93 14.59 -12.01
C ASN A 40 -24.13 13.59 -11.24
N ARG A 41 -22.84 13.69 -11.32
CA ARG A 41 -21.98 12.69 -10.75
C ARG A 41 -21.16 13.32 -9.65
N ASP A 42 -20.79 12.51 -8.68
CA ASP A 42 -19.84 12.88 -7.70
C ASP A 42 -18.45 12.52 -8.26
N TYR A 43 -17.58 13.55 -8.33
CA TYR A 43 -16.17 13.34 -8.64
C TYR A 43 -15.25 14.21 -7.80
N PHE A 44 -13.97 13.85 -7.82
CA PHE A 44 -13.01 14.40 -6.92
C PHE A 44 -11.99 15.20 -7.70
N VAL A 45 -11.68 16.38 -7.22
CA VAL A 45 -10.55 17.10 -7.69
C VAL A 45 -9.62 17.46 -6.56
N LYS A 46 -8.33 17.26 -6.75
CA LYS A 46 -7.31 17.51 -5.74
C LYS A 46 -6.28 18.47 -6.27
N PHE A 47 -6.01 19.51 -5.51
CA PHE A 47 -4.90 20.38 -5.77
C PHE A 47 -3.72 19.99 -4.88
N ASN A 48 -2.56 19.75 -5.50
CA ASN A 48 -1.32 19.57 -4.69
C ASN A 48 -0.58 20.90 -4.61
N CYS A 49 -0.25 21.41 -3.43
CA CYS A 49 0.33 22.77 -3.28
C CYS A 49 1.64 22.86 -2.46
N PRO A 50 2.80 22.40 -3.03
CA PRO A 50 4.07 22.32 -2.22
C PRO A 50 4.84 23.63 -1.96
N GLU A 51 4.31 24.73 -2.46
CA GLU A 51 4.95 26.02 -2.38
C GLU A 51 4.31 26.98 -1.42
N PHE A 52 3.65 26.45 -0.41
CA PHE A 52 2.97 27.25 0.51
C PHE A 52 3.87 27.64 1.64
N THR A 53 3.87 28.93 1.88
CA THR A 53 4.51 29.45 3.03
C THR A 53 3.74 30.65 3.60
N SER A 54 3.89 30.89 4.89
CA SER A 54 3.33 32.04 5.54
C SER A 54 4.11 32.43 6.81
N LEU A 55 3.67 33.49 7.49
CA LEU A 55 4.35 33.90 8.73
C LEU A 55 3.78 33.24 9.98
N CYS A 56 4.67 32.89 10.90
CA CYS A 56 4.25 32.35 12.18
C CYS A 56 3.83 33.54 13.14
N PRO A 57 2.70 33.36 13.89
CA PRO A 57 1.99 34.51 14.53
C PRO A 57 2.75 35.14 15.72
N LYS A 58 3.50 34.34 16.45
CA LYS A 58 4.26 34.87 17.54
C LYS A 58 5.63 35.30 17.08
N THR A 59 6.47 34.35 16.73
CA THR A 59 7.85 34.65 16.45
C THR A 59 7.98 35.57 15.27
N GLY A 60 7.17 35.37 14.25
CA GLY A 60 7.32 36.08 12.99
C GLY A 60 8.14 35.37 11.94
N GLN A 61 8.56 34.16 12.25
CA GLN A 61 9.46 33.38 11.43
C GLN A 61 8.68 32.54 10.42
N PRO A 62 9.12 32.50 9.15
CA PRO A 62 8.36 31.80 8.11
C PRO A 62 8.07 30.35 8.42
N ASP A 63 6.91 29.88 7.96
CA ASP A 63 6.63 28.49 8.06
C ASP A 63 6.31 28.01 6.66
N PHE A 64 6.40 26.70 6.45
CA PHE A 64 6.31 26.09 5.08
C PHE A 64 5.55 24.79 5.11
N ALA A 65 4.80 24.55 4.06
CA ALA A 65 3.99 23.37 3.95
C ALA A 65 3.69 22.98 2.55
N THR A 66 3.42 21.71 2.38
CA THR A 66 2.55 21.23 1.33
C THR A 66 1.07 21.15 1.82
N ILE A 67 0.23 21.78 1.02
CA ILE A 67 -1.21 21.77 1.19
C ILE A 67 -1.82 20.91 0.13
N TYR A 68 -2.56 19.89 0.59
CA TYR A 68 -3.37 19.03 -0.26
C TYR A 68 -4.86 19.42 -0.02
N ILE A 69 -5.49 19.85 -1.10
CA ILE A 69 -6.88 20.32 -1.06
C ILE A 69 -7.66 19.39 -1.99
N SER A 70 -8.66 18.71 -1.42
CA SER A 70 -9.53 17.85 -2.21
C SER A 70 -11.03 18.23 -2.05
N TYR A 71 -11.74 18.32 -3.15
CA TYR A 71 -13.18 18.62 -3.07
C TYR A 71 -13.99 17.82 -4.08
N ILE A 72 -15.21 17.48 -3.66
CA ILE A 72 -16.27 17.00 -4.61
C ILE A 72 -17.14 18.21 -4.95
N PRO A 73 -17.09 18.72 -6.16
CA PRO A 73 -17.97 19.90 -6.35
C PRO A 73 -19.48 19.59 -6.36
N ASP A 74 -20.23 20.66 -6.17
CA ASP A 74 -21.62 20.72 -6.50
C ASP A 74 -21.82 21.43 -7.81
N GLU A 75 -21.81 22.75 -7.82
CA GLU A 75 -22.12 23.49 -9.06
C GLU A 75 -21.01 24.41 -9.56
N LYS A 76 -20.04 24.72 -8.70
CA LYS A 76 -18.95 25.69 -8.99
C LYS A 76 -17.59 25.02 -8.71
N MET A 77 -16.60 25.34 -9.54
CA MET A 77 -15.23 24.81 -9.37
C MET A 77 -14.28 25.97 -9.18
N VAL A 78 -13.27 25.78 -8.36
CA VAL A 78 -12.26 26.85 -8.16
C VAL A 78 -11.25 26.83 -9.29
N GLU A 79 -10.89 28.03 -9.76
CA GLU A 79 -9.96 28.21 -10.89
C GLU A 79 -8.48 28.14 -10.36
N SER A 80 -7.63 27.39 -11.03
CA SER A 80 -6.30 27.02 -10.51
C SER A 80 -5.41 28.21 -10.18
N LYS A 81 -5.27 29.07 -11.18
CA LYS A 81 -4.44 30.28 -11.12
C LYS A 81 -4.94 31.24 -10.06
N SER A 82 -6.25 31.31 -9.88
CA SER A 82 -6.76 32.11 -8.77
C SER A 82 -6.51 31.41 -7.43
N LEU A 83 -6.48 30.09 -7.41
CA LEU A 83 -6.09 29.50 -6.14
C LEU A 83 -4.60 29.76 -5.77
N LYS A 84 -3.77 29.92 -6.80
CA LYS A 84 -2.37 30.18 -6.60
C LYS A 84 -2.11 31.59 -6.04
N LEU A 85 -2.73 32.62 -6.64
CA LEU A 85 -2.66 33.95 -6.03
C LEU A 85 -3.29 33.94 -4.64
N TYR A 86 -4.42 33.29 -4.50
CA TYR A 86 -4.93 33.17 -3.15
C TYR A 86 -3.88 32.63 -2.24
N LEU A 87 -3.29 31.48 -2.58
CA LEU A 87 -2.26 30.91 -1.67
C LEU A 87 -1.07 31.87 -1.43
N PHE A 88 -0.64 32.63 -2.43
CA PHE A 88 0.50 33.56 -2.23
C PHE A 88 0.21 34.64 -1.22
N SER A 89 -1.07 34.98 -1.11
CA SER A 89 -1.50 36.13 -0.32
C SER A 89 -1.25 35.80 1.11
N PHE A 90 -0.75 34.60 1.36
CA PHE A 90 -0.41 34.25 2.74
C PHE A 90 1.04 34.53 3.06
N ARG A 91 1.83 34.87 2.06
CA ARG A 91 3.25 34.78 2.19
C ARG A 91 3.69 35.72 3.25
N ASN A 92 3.09 36.89 3.28
CA ASN A 92 3.49 37.87 4.26
C ASN A 92 2.48 38.09 5.41
N HIS A 93 1.66 37.10 5.73
CA HIS A 93 0.62 37.23 6.77
C HIS A 93 0.77 36.18 7.86
N GLY A 94 0.49 36.58 9.10
CA GLY A 94 0.61 35.66 10.22
C GLY A 94 -0.73 35.32 10.82
N ASP A 95 -0.93 34.00 11.03
CA ASP A 95 -1.93 33.36 11.94
C ASP A 95 -1.43 31.86 12.18
N PHE A 96 -2.05 31.11 13.10
CA PHE A 96 -1.60 29.72 13.43
C PHE A 96 -1.78 28.73 12.27
N HIS A 97 -1.28 27.50 12.45
CA HIS A 97 -1.40 26.43 11.42
C HIS A 97 -2.85 25.88 11.26
N GLU A 98 -3.46 25.46 12.37
CA GLU A 98 -4.85 24.97 12.36
C GLU A 98 -5.83 25.98 11.74
N ASP A 99 -5.76 27.25 12.18
CA ASP A 99 -6.66 28.31 11.73
C ASP A 99 -6.42 28.52 10.27
N CYS A 100 -5.14 28.62 9.95
CA CYS A 100 -4.70 28.78 8.58
C CYS A 100 -5.41 27.80 7.65
N MET A 101 -5.46 26.53 8.03
CA MET A 101 -6.19 25.53 7.25
C MET A 101 -7.73 25.82 7.22
N ASN A 102 -8.33 26.14 8.36
CA ASN A 102 -9.74 26.52 8.41
C ASN A 102 -10.04 27.76 7.59
N ILE A 103 -9.13 28.73 7.62
CA ILE A 103 -9.28 29.89 6.76
C ILE A 103 -9.34 29.48 5.33
N ILE A 104 -8.46 28.61 4.90
CA ILE A 104 -8.38 28.30 3.48
C ILE A 104 -9.67 27.56 3.08
N MET A 105 -10.04 26.59 3.91
CA MET A 105 -11.17 25.75 3.68
C MET A 105 -12.46 26.59 3.64
N ASN A 106 -12.63 27.52 4.59
CA ASN A 106 -13.85 28.32 4.70
C ASN A 106 -14.02 29.22 3.52
N ASP A 107 -12.96 29.89 3.08
CA ASP A 107 -13.02 30.71 1.86
C ASP A 107 -13.44 29.87 0.66
N LEU A 108 -12.94 28.61 0.62
CA LEU A 108 -13.18 27.73 -0.51
C LEU A 108 -14.65 27.27 -0.54
N ILE A 109 -15.18 26.89 0.62
CA ILE A 109 -16.62 26.78 0.85
C ILE A 109 -17.40 28.06 0.44
N GLU A 110 -17.07 29.20 1.02
CA GLU A 110 -17.75 30.41 0.65
C GLU A 110 -17.75 30.55 -0.87
N LEU A 111 -16.66 30.13 -1.50
CA LEU A 111 -16.51 30.33 -2.94
C LEU A 111 -17.33 29.37 -3.77
N MET A 112 -17.50 28.13 -3.29
CA MET A 112 -17.87 27.00 -4.14
C MET A 112 -19.08 26.30 -3.57
N ASP A 113 -19.14 26.25 -2.23
CA ASP A 113 -20.27 25.67 -1.52
C ASP A 113 -20.37 24.26 -2.11
N PRO A 114 -19.35 23.41 -1.83
CA PRO A 114 -19.20 22.11 -2.53
C PRO A 114 -19.85 20.96 -1.78
N ARG A 115 -19.90 19.78 -2.35
CA ARG A 115 -20.58 18.71 -1.63
C ARG A 115 -19.67 18.31 -0.51
N TYR A 116 -18.35 18.31 -0.78
CA TYR A 116 -17.38 17.88 0.21
C TYR A 116 -16.04 18.59 0.01
N ILE A 117 -15.39 18.90 1.13
CA ILE A 117 -14.04 19.42 1.00
C ILE A 117 -13.08 19.04 2.15
N GLU A 118 -11.79 18.93 1.81
CA GLU A 118 -10.78 18.71 2.86
C GLU A 118 -9.46 19.39 2.50
N VAL A 119 -8.83 19.86 3.55
CA VAL A 119 -7.64 20.62 3.47
C VAL A 119 -6.66 20.02 4.45
N TRP A 120 -5.59 19.46 3.89
CA TRP A 120 -4.55 18.89 4.72
C TRP A 120 -3.17 19.60 4.52
N GLY A 121 -2.72 20.27 5.57
CA GLY A 121 -1.45 21.01 5.53
C GLY A 121 -0.34 20.18 6.16
N LYS A 122 0.77 19.98 5.45
CA LYS A 122 1.94 19.23 5.99
C LYS A 122 3.13 20.18 6.16
N PHE A 123 3.35 20.59 7.39
CA PHE A 123 4.33 21.64 7.61
C PHE A 123 5.67 20.95 7.83
N THR A 124 6.75 21.62 7.46
CA THR A 124 8.09 21.08 7.76
C THR A 124 8.17 20.98 9.27
N PRO A 125 8.63 19.84 9.80
CA PRO A 125 8.56 19.63 11.26
C PRO A 125 9.54 20.52 12.02
N ARG A 126 9.25 20.79 13.30
CA ARG A 126 10.00 21.74 14.12
C ARG A 126 10.05 21.29 15.60
N GLY A 127 10.94 20.35 15.92
CA GLY A 127 11.04 19.77 17.28
C GLY A 127 10.69 18.28 17.27
N GLY A 128 10.51 17.72 16.07
CA GLY A 128 9.98 16.33 15.91
C GLY A 128 8.47 16.28 15.71
N ILE A 129 7.81 17.41 15.99
CA ILE A 129 6.35 17.57 15.78
C ILE A 129 5.97 17.78 14.31
N SER A 130 5.39 16.73 13.77
CA SER A 130 4.82 16.83 12.48
C SER A 130 3.49 17.42 12.82
N ILE A 131 3.45 18.73 12.71
CA ILE A 131 2.27 19.54 12.85
C ILE A 131 1.59 19.51 11.46
N ASP A 132 0.63 18.59 11.32
CA ASP A 132 -0.05 18.32 10.05
C ASP A 132 -1.57 18.56 10.18
N PRO A 133 -2.00 19.81 10.27
CA PRO A 133 -3.45 20.12 10.44
C PRO A 133 -4.38 19.60 9.33
N TYR A 134 -5.46 18.93 9.70
CA TYR A 134 -6.43 18.38 8.75
C TYR A 134 -7.83 18.85 9.08
N THR A 135 -8.48 19.60 8.19
CA THR A 135 -9.92 19.81 8.26
C THR A 135 -10.74 19.40 7.01
N ASN A 136 -12.00 19.03 7.26
CA ASN A 136 -12.98 18.75 6.22
C ASN A 136 -14.40 19.18 6.63
N TYR A 137 -15.29 19.15 5.64
CA TYR A 137 -16.64 19.62 5.74
C TYR A 137 -17.40 18.86 4.66
N GLY A 138 -18.54 18.26 5.06
CA GLY A 138 -19.59 17.75 4.15
C GLY A 138 -20.82 18.66 4.17
N LYS A 139 -21.55 18.74 3.06
CA LYS A 139 -22.76 19.57 3.02
C LYS A 139 -23.79 19.12 4.10
N PRO A 140 -24.18 20.04 5.04
CA PRO A 140 -25.06 19.77 6.25
C PRO A 140 -26.35 19.01 5.94
N GLY A 141 -26.56 17.93 6.68
CA GLY A 141 -27.69 17.01 6.46
C GLY A 141 -27.52 15.89 5.40
N THR A 142 -26.45 15.96 4.57
CA THR A 142 -26.38 15.12 3.37
C THR A 142 -25.56 13.95 3.65
N LYS A 143 -25.37 13.12 2.63
CA LYS A 143 -24.49 11.95 2.80
C LYS A 143 -22.98 12.36 2.90
N TYR A 144 -22.68 13.62 2.57
CA TYR A 144 -21.33 14.20 2.64
C TYR A 144 -20.97 14.50 4.07
N GLU A 145 -21.97 14.85 4.87
CA GLU A 145 -21.73 15.15 6.27
C GLU A 145 -21.21 13.89 6.93
N LYS A 146 -21.68 12.73 6.50
CA LYS A 146 -21.24 11.45 7.09
C LYS A 146 -19.89 11.00 6.52
N MET A 147 -19.63 11.37 5.27
CA MET A 147 -18.37 11.12 4.64
C MET A 147 -17.28 11.99 5.29
N ALA A 148 -17.58 13.26 5.57
CA ALA A 148 -16.67 14.04 6.36
C ALA A 148 -16.32 13.28 7.65
N GLU A 149 -17.31 12.98 8.45
CA GLU A 149 -17.07 12.41 9.75
C GLU A 149 -16.23 11.13 9.60
N TYR A 150 -16.59 10.30 8.64
CA TYR A 150 -15.86 9.07 8.38
C TYR A 150 -14.39 9.31 7.92
N ARG A 151 -14.17 10.29 7.05
CA ARG A 151 -12.80 10.58 6.56
C ARG A 151 -11.94 11.19 7.67
N MET A 152 -12.51 12.09 8.46
CA MET A 152 -11.89 12.66 9.64
C MET A 152 -11.40 11.54 10.57
N MET A 153 -12.27 10.54 10.79
CA MET A 153 -12.00 9.43 11.68
C MET A 153 -10.85 8.62 11.11
N ASN A 154 -10.94 8.36 9.82
CA ASN A 154 -9.84 7.73 9.17
C ASN A 154 -8.52 8.46 9.31
N HIS A 155 -8.52 9.77 9.08
CA HIS A 155 -7.30 10.58 9.09
C HIS A 155 -6.31 10.20 10.20
N ASP A 156 -6.73 10.21 11.47
CA ASP A 156 -5.79 9.82 12.53
C ASP A 156 -5.23 8.37 12.39
N LEU A 157 -6.02 7.41 11.96
CA LEU A 157 -5.53 6.08 12.06
C LEU A 157 -4.19 5.93 11.39
N TYR A 158 -3.99 6.43 10.20
CA TYR A 158 -2.62 6.49 9.74
C TYR A 158 -2.25 7.79 9.03
N PRO A 159 -2.02 8.89 9.79
CA PRO A 159 -1.74 10.21 9.16
C PRO A 159 -0.34 10.33 8.54
N ASN B 21 -0.48 11.21 -41.82
CA ASN B 21 -1.09 12.34 -41.04
C ASN B 21 -2.20 11.93 -40.04
N TYR B 22 -2.00 12.34 -38.78
CA TYR B 22 -2.86 12.02 -37.63
C TYR B 22 -3.79 13.19 -37.38
N LEU B 23 -4.95 12.93 -36.74
CA LEU B 23 -5.87 14.03 -36.33
C LEU B 23 -5.70 14.38 -34.85
N PHE B 24 -5.44 15.67 -34.59
CA PHE B 24 -5.10 16.13 -33.28
C PHE B 24 -6.19 17.03 -32.69
N GLU B 25 -7.28 17.13 -33.45
CA GLU B 25 -8.52 17.76 -32.95
C GLU B 25 -9.45 16.65 -32.45
N TYR B 26 -10.28 17.00 -31.49
CA TYR B 26 -11.06 16.02 -30.68
C TYR B 26 -11.88 14.99 -31.52
N ALA B 27 -11.76 13.69 -31.23
CA ALA B 27 -12.27 12.68 -32.15
C ALA B 27 -12.85 11.46 -31.48
N PRO B 28 -14.04 11.57 -30.84
CA PRO B 28 -14.54 10.37 -30.13
C PRO B 28 -14.80 9.16 -31.03
N ASP B 29 -15.11 9.46 -32.29
CA ASP B 29 -15.43 8.50 -33.36
C ASP B 29 -14.32 7.45 -33.63
N VAL B 30 -13.08 7.78 -33.29
CA VAL B 30 -11.98 6.86 -33.51
C VAL B 30 -12.21 5.59 -32.70
N LEU B 31 -12.72 5.75 -31.48
CA LEU B 31 -12.77 4.66 -30.55
C LEU B 31 -13.48 3.49 -31.16
N GLU B 32 -12.89 2.33 -30.94
CA GLU B 32 -13.31 1.06 -31.48
C GLU B 32 -13.47 0.17 -30.25
N SER B 33 -14.23 -0.92 -30.39
CA SER B 33 -14.44 -1.86 -29.27
C SER B 33 -14.49 -3.28 -29.85
N PHE B 34 -14.33 -4.30 -29.02
CA PHE B 34 -14.48 -5.71 -29.44
C PHE B 34 -15.24 -6.46 -28.29
N PRO B 35 -15.86 -7.62 -28.57
CA PRO B 35 -16.54 -8.39 -27.52
C PRO B 35 -15.66 -8.95 -26.38
N ASN B 36 -16.17 -8.83 -25.18
CA ASN B 36 -15.62 -9.44 -24.02
C ASN B 36 -15.98 -10.90 -24.17
N LYS B 37 -14.96 -11.76 -24.22
CA LYS B 37 -15.13 -13.22 -24.30
C LYS B 37 -15.31 -13.78 -22.92
N HIS B 38 -15.25 -12.95 -21.88
CA HIS B 38 -15.38 -13.51 -20.53
C HIS B 38 -16.41 -12.74 -19.72
N VAL B 39 -17.65 -12.61 -20.23
CA VAL B 39 -18.67 -11.76 -19.57
C VAL B 39 -19.09 -12.33 -18.25
N ASN B 40 -18.90 -13.60 -18.06
CA ASN B 40 -19.42 -14.24 -16.91
C ASN B 40 -18.75 -13.85 -15.62
N ARG B 41 -17.66 -13.13 -15.71
CA ARG B 41 -17.06 -12.66 -14.47
C ARG B 41 -16.63 -11.23 -14.55
N ASP B 42 -16.35 -10.74 -13.35
CA ASP B 42 -15.86 -9.42 -13.14
C ASP B 42 -14.37 -9.44 -13.16
N TYR B 43 -13.82 -8.68 -14.10
CA TYR B 43 -12.40 -8.42 -14.02
C TYR B 43 -12.07 -6.95 -14.31
N PHE B 44 -10.85 -6.54 -13.93
CA PHE B 44 -10.45 -5.16 -14.08
C PHE B 44 -9.41 -5.13 -15.16
N VAL B 45 -9.56 -4.18 -16.09
CA VAL B 45 -8.50 -3.82 -17.01
C VAL B 45 -8.06 -2.38 -16.78
N LYS B 46 -6.75 -2.20 -16.63
CA LYS B 46 -6.15 -0.86 -16.46
C LYS B 46 -5.29 -0.42 -17.66
N PHE B 47 -5.45 0.84 -18.07
CA PHE B 47 -4.57 1.46 -19.01
C PHE B 47 -3.74 2.49 -18.30
N ASN B 48 -2.40 2.36 -18.42
CA ASN B 48 -1.51 3.44 -18.01
C ASN B 48 -1.20 4.38 -19.22
N CYS B 49 -1.50 5.66 -19.13
CA CYS B 49 -1.33 6.60 -20.25
C CYS B 49 -0.45 7.73 -19.85
N PRO B 50 0.88 7.50 -19.79
CA PRO B 50 1.83 8.52 -19.38
C PRO B 50 2.02 9.64 -20.34
N GLU B 51 1.49 9.53 -21.55
CA GLU B 51 1.90 10.46 -22.61
C GLU B 51 0.80 11.42 -23.01
N PHE B 52 0.08 11.93 -22.01
CA PHE B 52 -1.11 12.63 -22.38
C PHE B 52 -0.87 14.14 -22.33
N THR B 53 -1.33 14.83 -23.33
CA THR B 53 -1.13 16.26 -23.38
C THR B 53 -2.33 17.00 -24.04
N SER B 54 -2.60 18.24 -23.65
CA SER B 54 -3.71 19.01 -24.26
C SER B 54 -3.45 20.48 -24.12
N LEU B 55 -4.45 21.34 -24.33
CA LEU B 55 -4.24 22.78 -24.13
C LEU B 55 -5.11 23.36 -23.03
N CYS B 56 -4.60 24.36 -22.30
CA CYS B 56 -5.40 25.13 -21.34
C CYS B 56 -6.34 25.96 -22.19
N PRO B 57 -7.64 26.02 -21.83
CA PRO B 57 -8.52 26.71 -22.78
C PRO B 57 -8.32 28.24 -22.77
N LYS B 58 -8.00 28.83 -21.63
CA LYS B 58 -7.87 30.29 -21.63
C LYS B 58 -6.54 30.73 -22.24
N THR B 59 -5.44 30.14 -21.75
CA THR B 59 -4.06 30.42 -22.22
C THR B 59 -3.61 30.01 -23.65
N GLY B 60 -3.95 28.80 -24.07
CA GLY B 60 -3.33 28.14 -25.22
C GLY B 60 -2.11 27.29 -24.78
N GLN B 61 -1.62 27.50 -23.55
CA GLN B 61 -0.48 26.79 -22.97
C GLN B 61 -0.78 25.31 -22.93
N PRO B 62 0.12 24.47 -23.44
CA PRO B 62 0.00 23.04 -23.30
C PRO B 62 0.05 22.49 -21.86
N ASP B 63 -0.69 21.43 -21.58
CA ASP B 63 -0.67 20.79 -20.26
C ASP B 63 -0.51 19.27 -20.35
N PHE B 64 0.12 18.67 -19.35
CA PHE B 64 0.62 17.27 -19.47
C PHE B 64 0.12 16.42 -18.35
N ALA B 65 -0.16 15.15 -18.61
CA ALA B 65 -0.58 14.34 -17.48
C ALA B 65 -0.30 12.91 -17.71
N THR B 66 -0.39 12.14 -16.64
CA THR B 66 -0.50 10.70 -16.71
C THR B 66 -1.95 10.34 -16.35
N ILE B 67 -2.61 9.59 -17.21
CA ILE B 67 -3.97 9.21 -16.94
C ILE B 67 -4.04 7.75 -16.69
N TYR B 68 -4.62 7.35 -15.57
CA TYR B 68 -4.97 5.93 -15.30
C TYR B 68 -6.49 5.70 -15.53
N ILE B 69 -6.83 4.78 -16.44
CA ILE B 69 -8.19 4.34 -16.68
C ILE B 69 -8.35 2.87 -16.30
N SER B 70 -9.32 2.59 -15.42
CA SER B 70 -9.62 1.25 -15.03
C SER B 70 -11.15 1.00 -15.09
N TYR B 71 -11.48 -0.19 -15.55
CA TYR B 71 -12.85 -0.48 -15.88
C TYR B 71 -13.09 -1.98 -15.85
N ILE B 72 -14.23 -2.35 -15.28
CA ILE B 72 -14.73 -3.74 -15.30
C ILE B 72 -15.64 -3.84 -16.51
N PRO B 73 -15.26 -4.63 -17.52
CA PRO B 73 -16.12 -4.61 -18.68
C PRO B 73 -17.41 -5.49 -18.57
N ASP B 74 -18.45 -5.07 -19.33
CA ASP B 74 -19.65 -5.92 -19.55
C ASP B 74 -19.55 -6.75 -20.83
N GLU B 75 -20.08 -6.25 -21.93
CA GLU B 75 -20.07 -7.02 -23.16
C GLU B 75 -19.03 -6.52 -24.18
N LYS B 76 -18.60 -5.27 -24.04
CA LYS B 76 -17.67 -4.63 -24.92
C LYS B 76 -16.36 -4.17 -24.24
N MET B 77 -15.23 -4.32 -24.95
CA MET B 77 -13.86 -3.90 -24.50
C MET B 77 -13.32 -2.81 -25.41
N VAL B 78 -12.71 -1.77 -24.88
CA VAL B 78 -11.96 -0.78 -25.73
C VAL B 78 -10.66 -1.38 -26.35
N GLU B 79 -10.42 -1.09 -27.62
CA GLU B 79 -9.24 -1.61 -28.33
C GLU B 79 -8.14 -0.57 -28.06
N SER B 80 -6.96 -1.00 -27.58
CA SER B 80 -5.83 -0.05 -27.30
C SER B 80 -5.42 0.92 -28.40
N LYS B 81 -5.24 0.43 -29.61
CA LYS B 81 -4.78 1.34 -30.66
C LYS B 81 -5.76 2.53 -30.77
N SER B 82 -7.06 2.24 -30.72
CA SER B 82 -8.05 3.30 -30.78
C SER B 82 -7.99 4.20 -29.56
N LEU B 83 -7.84 3.63 -28.37
CA LEU B 83 -7.62 4.51 -27.23
C LEU B 83 -6.40 5.45 -27.42
N LYS B 84 -5.31 4.91 -27.95
CA LYS B 84 -4.17 5.78 -28.33
C LYS B 84 -4.53 6.96 -29.25
N LEU B 85 -5.17 6.61 -30.37
CA LEU B 85 -5.60 7.63 -31.36
C LEU B 85 -6.59 8.58 -30.74
N TYR B 86 -7.40 8.09 -29.81
CA TYR B 86 -8.38 8.93 -29.13
C TYR B 86 -7.68 9.89 -28.24
N LEU B 87 -6.79 9.40 -27.38
CA LEU B 87 -6.08 10.35 -26.51
C LEU B 87 -5.18 11.33 -27.27
N PHE B 88 -4.67 10.97 -28.47
CA PHE B 88 -3.89 11.93 -29.28
C PHE B 88 -4.71 13.10 -29.69
N SER B 89 -6.02 12.86 -29.88
CA SER B 89 -6.87 13.89 -30.45
C SER B 89 -7.10 15.04 -29.48
N PHE B 90 -6.54 14.96 -28.28
CA PHE B 90 -6.60 16.05 -27.33
C PHE B 90 -5.45 17.06 -27.54
N ARG B 91 -4.54 16.65 -28.41
CA ARG B 91 -3.23 17.27 -28.47
C ARG B 91 -3.34 18.76 -28.77
N ASN B 92 -4.26 19.20 -29.64
CA ASN B 92 -4.48 20.60 -29.92
C ASN B 92 -5.88 21.09 -29.50
N HIS B 93 -6.43 20.42 -28.47
CA HIS B 93 -7.79 20.65 -27.98
C HIS B 93 -7.77 21.27 -26.58
N GLY B 94 -8.28 22.49 -26.43
CA GLY B 94 -8.39 23.09 -25.11
C GLY B 94 -9.54 22.52 -24.28
N ASP B 95 -9.30 22.27 -22.97
CA ASP B 95 -10.31 22.02 -21.92
C ASP B 95 -9.68 22.01 -20.55
N PHE B 96 -10.45 22.34 -19.52
CA PHE B 96 -9.96 22.25 -18.16
C PHE B 96 -9.69 20.79 -17.78
N HIS B 97 -8.76 20.53 -16.87
CA HIS B 97 -8.40 19.15 -16.56
C HIS B 97 -9.60 18.34 -16.07
N GLU B 98 -10.42 18.98 -15.25
CA GLU B 98 -11.59 18.29 -14.66
C GLU B 98 -12.54 17.92 -15.77
N ASP B 99 -12.69 18.81 -16.75
CA ASP B 99 -13.57 18.43 -17.86
C ASP B 99 -13.06 17.22 -18.65
N CYS B 100 -11.77 17.27 -19.07
CA CYS B 100 -11.15 16.17 -19.80
C CYS B 100 -11.38 14.87 -19.14
N MET B 101 -11.16 14.75 -17.84
CA MET B 101 -11.32 13.46 -17.28
C MET B 101 -12.78 12.95 -17.51
N ASN B 102 -13.77 13.85 -17.29
CA ASN B 102 -15.20 13.57 -17.39
C ASN B 102 -15.55 13.25 -18.82
N ILE B 103 -14.94 13.97 -19.73
CA ILE B 103 -15.21 13.72 -21.14
C ILE B 103 -14.64 12.39 -21.62
N ILE B 104 -13.44 12.06 -21.10
CA ILE B 104 -12.78 10.82 -21.50
C ILE B 104 -13.64 9.72 -20.94
N MET B 105 -14.01 9.82 -19.69
CA MET B 105 -14.87 8.79 -19.13
C MET B 105 -16.19 8.59 -19.92
N ASN B 106 -16.84 9.70 -20.31
CA ASN B 106 -18.17 9.66 -20.98
C ASN B 106 -18.02 8.96 -22.31
N ASP B 107 -16.94 9.30 -23.06
CA ASP B 107 -16.75 8.66 -24.37
C ASP B 107 -16.54 7.22 -24.16
N LEU B 108 -15.97 6.84 -23.07
CA LEU B 108 -15.78 5.45 -22.80
C LEU B 108 -17.01 4.75 -22.29
N ILE B 109 -17.84 5.43 -21.50
CA ILE B 109 -19.10 4.84 -21.12
C ILE B 109 -19.93 4.71 -22.40
N GLU B 110 -19.91 5.72 -23.26
CA GLU B 110 -20.70 5.60 -24.49
C GLU B 110 -20.28 4.50 -25.40
N LEU B 111 -18.98 4.24 -25.54
CA LEU B 111 -18.55 3.17 -26.40
C LEU B 111 -18.81 1.80 -25.80
N MET B 112 -18.78 1.67 -24.48
CA MET B 112 -18.53 0.37 -23.91
C MET B 112 -19.63 -0.14 -23.06
N ASP B 113 -20.34 0.81 -22.43
CA ASP B 113 -21.45 0.48 -21.55
C ASP B 113 -20.94 -0.49 -20.45
N PRO B 114 -19.91 -0.07 -19.70
CA PRO B 114 -19.22 -0.89 -18.72
C PRO B 114 -19.94 -1.11 -17.43
N ARG B 115 -19.56 -2.16 -16.72
CA ARG B 115 -20.08 -2.32 -15.42
C ARG B 115 -19.56 -1.18 -14.53
N TYR B 116 -18.24 -0.90 -14.61
CA TYR B 116 -17.59 0.10 -13.79
C TYR B 116 -16.39 0.79 -14.45
N ILE B 117 -16.26 2.10 -14.38
CA ILE B 117 -15.08 2.72 -14.93
C ILE B 117 -14.56 3.85 -14.02
N GLU B 118 -13.24 4.08 -14.02
CA GLU B 118 -12.64 5.25 -13.34
C GLU B 118 -11.53 5.76 -14.17
N VAL B 119 -11.34 7.05 -14.13
CA VAL B 119 -10.36 7.69 -14.88
C VAL B 119 -9.70 8.58 -13.85
N TRP B 120 -8.37 8.45 -13.69
CA TRP B 120 -7.66 9.28 -12.68
C TRP B 120 -6.53 10.04 -13.37
N GLY B 121 -6.63 11.34 -13.36
CA GLY B 121 -5.68 12.15 -14.15
C GLY B 121 -4.71 12.86 -13.20
N LYS B 122 -3.41 12.76 -13.47
CA LYS B 122 -2.41 13.42 -12.60
C LYS B 122 -1.62 14.34 -13.47
N PHE B 123 -1.87 15.60 -13.29
CA PHE B 123 -1.33 16.61 -14.20
C PHE B 123 -0.03 17.20 -13.61
N THR B 124 0.78 17.76 -14.47
CA THR B 124 2.02 18.35 -14.00
C THR B 124 1.64 19.75 -13.60
N PRO B 125 2.36 20.32 -12.60
CA PRO B 125 2.04 21.64 -12.02
C PRO B 125 2.05 22.82 -12.94
N ARG B 126 1.23 23.81 -12.63
CA ARG B 126 1.26 25.12 -13.23
C ARG B 126 1.20 26.08 -12.07
N GLY B 127 2.04 27.11 -12.14
CA GLY B 127 2.06 28.09 -11.10
C GLY B 127 2.24 27.43 -9.76
N GLY B 128 3.00 26.34 -9.72
CA GLY B 128 3.25 25.67 -8.43
C GLY B 128 2.25 24.57 -8.05
N ILE B 129 1.19 24.39 -8.85
CA ILE B 129 -0.04 23.68 -8.39
C ILE B 129 -0.38 22.66 -9.43
N SER B 130 -0.55 21.41 -9.00
CA SER B 130 -0.93 20.41 -9.91
C SER B 130 -2.36 19.88 -9.54
N ILE B 131 -3.07 19.40 -10.55
CA ILE B 131 -4.51 19.06 -10.42
C ILE B 131 -4.66 17.60 -10.81
N ASP B 132 -5.21 16.85 -9.83
CA ASP B 132 -5.49 15.42 -9.94
C ASP B 132 -7.04 15.12 -9.93
N PRO B 133 -7.68 15.21 -11.09
CA PRO B 133 -9.12 14.92 -11.05
C PRO B 133 -9.35 13.45 -11.13
N TYR B 134 -10.31 12.94 -10.36
CA TYR B 134 -10.68 11.55 -10.35
C TYR B 134 -12.22 11.40 -10.44
N THR B 135 -12.68 10.64 -11.42
CA THR B 135 -14.11 10.44 -11.72
C THR B 135 -14.32 8.96 -11.79
N ASN B 136 -15.49 8.50 -11.39
CA ASN B 136 -15.92 7.10 -11.63
C ASN B 136 -17.48 6.94 -11.91
N TYR B 137 -17.87 5.68 -12.16
CA TYR B 137 -19.16 5.38 -12.67
C TYR B 137 -19.44 3.93 -12.48
N GLY B 138 -20.55 3.63 -11.83
CA GLY B 138 -21.05 2.27 -11.81
C GLY B 138 -22.38 2.19 -12.55
N LYS B 139 -22.63 1.10 -13.27
CA LYS B 139 -23.96 0.86 -13.93
C LYS B 139 -25.11 1.04 -12.90
N PRO B 140 -26.01 2.02 -13.12
CA PRO B 140 -27.08 2.42 -12.18
C PRO B 140 -27.96 1.25 -11.60
N GLY B 141 -28.24 1.35 -10.30
CA GLY B 141 -29.07 0.37 -9.62
C GLY B 141 -28.43 -0.97 -9.34
N THR B 142 -27.16 -1.13 -9.77
CA THR B 142 -26.41 -2.38 -9.57
C THR B 142 -25.39 -2.31 -8.43
N LYS B 143 -24.77 -3.46 -8.15
CA LYS B 143 -23.71 -3.49 -7.17
C LYS B 143 -22.53 -2.59 -7.60
N TYR B 144 -22.44 -2.19 -8.88
CA TYR B 144 -21.34 -1.33 -9.35
C TYR B 144 -21.54 0.15 -9.02
N GLU B 145 -22.79 0.57 -8.91
CA GLU B 145 -23.13 1.92 -8.48
C GLU B 145 -22.64 2.13 -7.04
N LYS B 146 -22.89 1.16 -6.21
CA LYS B 146 -22.52 1.17 -4.83
C LYS B 146 -20.95 1.13 -4.78
N MET B 147 -20.33 0.23 -5.57
CA MET B 147 -18.90 0.30 -5.86
C MET B 147 -18.42 1.70 -6.26
N ALA B 148 -19.04 2.35 -7.21
CA ALA B 148 -18.52 3.68 -7.58
C ALA B 148 -18.48 4.58 -6.36
N GLU B 149 -19.49 4.41 -5.50
CA GLU B 149 -19.69 5.24 -4.35
C GLU B 149 -18.73 4.88 -3.24
N TYR B 150 -18.47 3.61 -3.04
CA TYR B 150 -17.46 3.25 -2.06
C TYR B 150 -16.02 3.76 -2.46
N ARG B 151 -15.68 3.65 -3.73
CA ARG B 151 -14.38 4.10 -4.17
C ARG B 151 -14.36 5.62 -4.26
N MET B 152 -15.50 6.28 -4.33
CA MET B 152 -15.47 7.75 -4.22
C MET B 152 -15.29 8.17 -2.75
N MET B 153 -16.05 7.56 -1.85
CA MET B 153 -16.06 7.94 -0.46
C MET B 153 -14.62 7.75 0.02
N ASN B 154 -14.00 6.67 -0.43
CA ASN B 154 -12.70 6.27 0.06
C ASN B 154 -11.52 6.75 -0.80
N HIS B 155 -11.76 7.57 -1.81
CA HIS B 155 -10.74 7.91 -2.75
C HIS B 155 -9.68 8.69 -2.01
N ASP B 156 -8.43 8.20 -2.10
CA ASP B 156 -7.27 8.96 -1.76
C ASP B 156 -7.22 9.38 -0.29
N LEU B 157 -7.60 8.46 0.57
CA LEU B 157 -7.43 8.69 2.00
C LEU B 157 -5.96 9.04 2.42
N TYR B 158 -4.98 8.51 1.70
CA TYR B 158 -3.52 8.69 1.95
C TYR B 158 -2.90 9.30 0.71
N PRO B 159 -3.08 10.62 0.52
CA PRO B 159 -2.52 11.26 -0.66
C PRO B 159 -0.97 11.08 -0.71
N GLU B 160 -0.46 10.71 -1.87
CA GLU B 160 0.97 10.62 -2.09
C GLU B 160 1.64 12.01 -2.00
N THR B 161 2.93 12.01 -1.63
CA THR B 161 3.75 13.21 -1.46
C THR B 161 4.12 13.85 -2.79
N ILE B 162 3.86 15.14 -2.88
CA ILE B 162 4.14 15.88 -4.10
C ILE B 162 5.02 17.09 -3.77
N ASP B 163 6.21 17.17 -4.40
CA ASP B 163 7.19 18.28 -4.18
C ASP B 163 7.48 19.06 -5.47
N ASN B 164 6.88 18.59 -6.56
CA ASN B 164 7.01 19.20 -7.89
C ASN B 164 8.33 18.85 -8.57
N ARG B 165 9.09 17.92 -7.99
CA ARG B 165 10.34 17.42 -8.61
C ARG B 165 10.21 15.98 -9.12
N ASN C 21 12.89 -30.76 -26.18
CA ASN C 21 12.16 -29.65 -26.89
C ASN C 21 10.97 -29.00 -26.13
N TYR C 22 10.53 -27.85 -26.63
CA TYR C 22 9.64 -26.90 -25.91
C TYR C 22 8.47 -26.43 -26.79
N LEU C 23 7.24 -26.77 -26.40
CA LEU C 23 6.04 -26.39 -27.17
C LEU C 23 5.83 -24.87 -27.11
N PHE C 24 5.77 -24.21 -28.27
CA PHE C 24 5.61 -22.72 -28.30
C PHE C 24 4.21 -22.22 -28.76
N GLU C 25 3.32 -23.18 -28.92
CA GLU C 25 1.91 -22.90 -29.21
C GLU C 25 1.05 -23.52 -28.08
N TYR C 26 -0.12 -22.99 -27.79
CA TYR C 26 -0.76 -23.10 -26.49
C TYR C 26 -1.09 -24.51 -26.02
N ALA C 27 -0.91 -24.77 -24.74
CA ALA C 27 -0.76 -26.11 -24.22
C ALA C 27 -1.13 -26.38 -22.78
N PRO C 28 -2.43 -26.45 -22.47
CA PRO C 28 -2.98 -26.73 -21.12
C PRO C 28 -2.56 -28.07 -20.52
N ASP C 29 -2.31 -29.02 -21.40
CA ASP C 29 -2.01 -30.37 -21.02
C ASP C 29 -0.76 -30.46 -20.19
N VAL C 30 0.21 -29.61 -20.46
CA VAL C 30 1.48 -29.62 -19.74
C VAL C 30 1.27 -29.46 -18.23
N LEU C 31 0.34 -28.59 -17.84
CA LEU C 31 0.11 -28.30 -16.42
C LEU C 31 0.02 -29.57 -15.57
N GLU C 32 0.59 -29.54 -14.37
CA GLU C 32 0.59 -30.67 -13.47
C GLU C 32 0.39 -30.14 -12.09
N SER C 33 -0.06 -31.00 -11.18
CA SER C 33 -0.45 -30.61 -9.80
C SER C 33 0.11 -31.62 -8.85
N PHE C 34 0.12 -31.34 -7.55
CA PHE C 34 0.48 -32.37 -6.55
C PHE C 34 -0.35 -32.12 -5.29
N PRO C 35 -0.61 -33.16 -4.46
CA PRO C 35 -1.51 -32.88 -3.30
C PRO C 35 -1.02 -31.74 -2.38
N ASN C 36 -1.93 -31.01 -1.73
CA ASN C 36 -1.61 -30.08 -0.67
C ASN C 36 -1.47 -30.82 0.67
N LYS C 37 -0.30 -30.78 1.25
CA LYS C 37 -0.10 -31.48 2.52
C LYS C 37 -0.66 -30.70 3.67
N HIS C 38 -1.26 -29.55 3.42
CA HIS C 38 -1.67 -28.63 4.52
C HIS C 38 -3.03 -28.04 4.18
N VAL C 39 -3.99 -28.92 3.85
CA VAL C 39 -5.33 -28.49 3.41
C VAL C 39 -6.15 -27.87 4.52
N ASN C 40 -5.77 -28.05 5.75
CA ASN C 40 -6.61 -27.70 6.86
C ASN C 40 -6.34 -26.28 7.28
N ARG C 41 -5.57 -25.60 6.47
CA ARG C 41 -5.31 -24.17 6.66
C ARG C 41 -5.43 -23.39 5.34
N ASP C 42 -5.73 -22.10 5.45
CA ASP C 42 -5.64 -21.20 4.30
C ASP C 42 -4.27 -20.51 4.28
N TYR C 43 -3.59 -20.62 3.16
CA TYR C 43 -2.35 -19.91 2.95
C TYR C 43 -2.27 -19.50 1.50
N PHE C 44 -1.46 -18.47 1.20
CA PHE C 44 -1.31 -17.93 -0.15
C PHE C 44 -0.02 -18.43 -0.77
N VAL C 45 -0.02 -18.73 -2.04
CA VAL C 45 1.22 -18.85 -2.74
C VAL C 45 1.25 -17.98 -3.92
N LYS C 46 2.33 -17.26 -4.08
CA LYS C 46 2.49 -16.40 -5.22
C LYS C 46 3.59 -16.86 -6.23
N PHE C 47 3.31 -16.70 -7.50
CA PHE C 47 4.28 -16.85 -8.54
C PHE C 47 4.57 -15.52 -9.19
N ASN C 48 5.85 -15.10 -9.13
CA ASN C 48 6.28 -13.93 -9.90
C ASN C 48 6.76 -14.42 -11.26
N CYS C 49 6.35 -13.80 -12.34
CA CYS C 49 6.61 -14.35 -13.63
C CYS C 49 6.91 -13.23 -14.59
N PRO C 50 8.13 -12.66 -14.45
CA PRO C 50 8.60 -11.50 -15.22
C PRO C 50 9.07 -11.82 -16.62
N GLU C 51 8.94 -13.07 -17.05
CA GLU C 51 9.48 -13.50 -18.34
C GLU C 51 8.42 -13.90 -19.38
N PHE C 52 7.17 -13.52 -19.16
CA PHE C 52 6.12 -13.94 -20.07
C PHE C 52 6.13 -13.12 -21.33
N THR C 53 5.78 -13.71 -22.41
CA THR C 53 5.71 -13.00 -23.70
C THR C 53 4.68 -13.74 -24.60
N SER C 54 4.05 -13.03 -25.52
CA SER C 54 3.01 -13.65 -26.37
C SER C 54 2.88 -12.79 -27.64
N LEU C 55 1.95 -13.14 -28.52
CA LEU C 55 1.75 -12.41 -29.75
C LEU C 55 0.51 -11.52 -29.73
N CYS C 56 0.51 -10.46 -30.55
CA CYS C 56 -0.66 -9.56 -30.70
C CYS C 56 -1.48 -10.10 -31.87
N PRO C 57 -2.82 -10.17 -31.72
CA PRO C 57 -3.54 -11.03 -32.67
C PRO C 57 -3.81 -10.42 -34.06
N LYS C 58 -3.96 -9.09 -34.14
CA LYS C 58 -4.03 -8.49 -35.48
C LYS C 58 -2.61 -8.43 -36.03
N THR C 59 -1.76 -7.62 -35.40
CA THR C 59 -0.44 -7.31 -35.96
C THR C 59 0.48 -8.55 -36.10
N GLY C 60 0.47 -9.42 -35.10
CA GLY C 60 1.48 -10.50 -35.00
C GLY C 60 2.78 -10.10 -34.27
N GLN C 61 2.80 -8.92 -33.65
CA GLN C 61 3.98 -8.36 -32.97
C GLN C 61 4.00 -8.79 -31.51
N PRO C 62 5.18 -9.22 -31.01
CA PRO C 62 5.24 -9.73 -29.66
C PRO C 62 4.90 -8.71 -28.57
N ASP C 63 4.41 -9.22 -27.46
CA ASP C 63 4.11 -8.40 -26.31
C ASP C 63 4.74 -9.12 -25.16
N PHE C 64 4.90 -8.36 -24.07
CA PHE C 64 5.63 -8.78 -22.89
C PHE C 64 4.97 -8.21 -21.67
N ALA C 65 5.09 -8.95 -20.58
CA ALA C 65 4.42 -8.62 -19.32
C ALA C 65 5.13 -9.32 -18.20
N THR C 66 4.93 -8.84 -16.97
CA THR C 66 5.18 -9.63 -15.74
C THR C 66 3.77 -10.00 -15.23
N ILE C 67 3.62 -11.25 -14.88
CA ILE C 67 2.40 -11.74 -14.47
C ILE C 67 2.62 -12.12 -13.04
N TYR C 68 1.69 -11.73 -12.16
CA TYR C 68 1.62 -12.29 -10.80
C TYR C 68 0.38 -13.15 -10.67
N ILE C 69 0.55 -14.32 -10.06
CA ILE C 69 -0.53 -15.29 -9.92
C ILE C 69 -0.45 -15.66 -8.49
N SER C 70 -1.53 -15.39 -7.73
CA SER C 70 -1.57 -15.81 -6.32
C SER C 70 -2.89 -16.55 -6.11
N TYR C 71 -2.82 -17.58 -5.27
CA TYR C 71 -3.92 -18.46 -5.15
C TYR C 71 -3.87 -19.12 -3.81
N ILE C 72 -5.04 -19.55 -3.34
CA ILE C 72 -5.10 -20.23 -2.07
C ILE C 72 -5.51 -21.58 -2.44
N PRO C 73 -4.65 -22.56 -2.17
CA PRO C 73 -4.94 -23.91 -2.62
C PRO C 73 -6.06 -24.58 -1.81
N ASP C 74 -6.76 -25.51 -2.42
CA ASP C 74 -7.57 -26.45 -1.69
C ASP C 74 -6.94 -27.84 -1.54
N GLU C 75 -7.02 -28.72 -2.53
CA GLU C 75 -6.38 -30.02 -2.37
C GLU C 75 -5.18 -30.21 -3.28
N LYS C 76 -5.17 -29.53 -4.41
CA LYS C 76 -4.08 -29.65 -5.39
C LYS C 76 -3.27 -28.36 -5.51
N MET C 77 -1.96 -28.45 -5.69
CA MET C 77 -1.08 -27.28 -5.96
C MET C 77 -0.56 -27.31 -7.36
N VAL C 78 -0.18 -26.19 -7.94
CA VAL C 78 0.35 -26.27 -9.29
C VAL C 78 1.86 -26.58 -9.18
N GLU C 79 2.37 -27.44 -10.07
CA GLU C 79 3.77 -27.80 -10.01
C GLU C 79 4.52 -26.75 -10.78
N SER C 80 5.51 -26.17 -10.15
CA SER C 80 6.22 -24.99 -10.67
C SER C 80 6.78 -25.10 -12.11
N LYS C 81 7.44 -26.20 -12.43
CA LYS C 81 8.09 -26.31 -13.75
C LYS C 81 7.02 -26.49 -14.82
N SER C 82 5.94 -27.17 -14.44
CA SER C 82 4.86 -27.33 -15.38
C SER C 82 4.28 -25.94 -15.68
N LEU C 83 4.22 -25.09 -14.65
CA LEU C 83 3.79 -23.71 -14.91
C LEU C 83 4.67 -22.97 -15.89
N LYS C 84 5.99 -23.08 -15.71
CA LYS C 84 6.93 -22.47 -16.68
C LYS C 84 6.69 -23.06 -18.05
N LEU C 85 6.45 -24.37 -18.12
CA LEU C 85 6.17 -24.92 -19.46
C LEU C 85 4.87 -24.39 -20.03
N TYR C 86 3.84 -24.28 -19.18
CA TYR C 86 2.57 -23.72 -19.61
C TYR C 86 2.67 -22.26 -20.10
N LEU C 87 3.34 -21.40 -19.35
CA LEU C 87 3.55 -20.06 -19.84
C LEU C 87 4.45 -19.94 -21.10
N PHE C 88 5.39 -20.87 -21.30
CA PHE C 88 6.19 -20.89 -22.57
C PHE C 88 5.27 -21.05 -23.77
N SER C 89 4.23 -21.86 -23.55
CA SER C 89 3.26 -22.20 -24.61
C SER C 89 2.47 -21.03 -25.15
N PHE C 90 2.69 -19.83 -24.64
CA PHE C 90 2.07 -18.64 -25.22
C PHE C 90 3.03 -17.85 -26.14
N ARG C 91 4.30 -18.27 -26.20
CA ARG C 91 5.33 -17.53 -26.93
C ARG C 91 4.95 -17.28 -28.38
N ASN C 92 4.43 -18.29 -29.08
CA ASN C 92 4.01 -18.06 -30.44
C ASN C 92 2.45 -18.11 -30.60
N HIS C 93 1.75 -17.83 -29.50
CA HIS C 93 0.29 -17.79 -29.50
C HIS C 93 -0.25 -16.36 -29.53
N GLY C 94 -1.13 -16.08 -30.48
CA GLY C 94 -1.84 -14.76 -30.58
C GLY C 94 -3.06 -14.66 -29.66
N ASP C 95 -3.13 -13.61 -28.85
CA ASP C 95 -4.30 -13.25 -28.05
C ASP C 95 -4.14 -11.88 -27.44
N PHE C 96 -5.23 -11.24 -27.06
CA PHE C 96 -5.20 -9.98 -26.34
C PHE C 96 -4.92 -10.27 -24.90
N HIS C 97 -4.40 -9.26 -24.20
CA HIS C 97 -3.81 -9.44 -22.85
C HIS C 97 -4.89 -9.80 -21.88
N GLU C 98 -6.09 -9.23 -22.12
CA GLU C 98 -7.22 -9.44 -21.20
C GLU C 98 -7.65 -10.88 -21.21
N ASP C 99 -7.73 -11.45 -22.39
CA ASP C 99 -8.02 -12.86 -22.59
C ASP C 99 -6.97 -13.81 -22.04
N CYS C 100 -5.70 -13.46 -22.17
CA CYS C 100 -4.61 -14.28 -21.67
C CYS C 100 -4.64 -14.42 -20.14
N MET C 101 -4.94 -13.34 -19.45
CA MET C 101 -4.98 -13.37 -17.99
C MET C 101 -6.16 -14.29 -17.60
N ASN C 102 -7.32 -14.09 -18.21
CA ASN C 102 -8.45 -15.08 -18.02
C ASN C 102 -8.22 -16.54 -18.40
N ILE C 103 -7.70 -16.76 -19.60
CA ILE C 103 -7.31 -18.14 -19.98
C ILE C 103 -6.37 -18.73 -18.95
N ILE C 104 -5.33 -17.97 -18.60
CA ILE C 104 -4.39 -18.49 -17.62
C ILE C 104 -5.20 -18.76 -16.38
N MET C 105 -6.01 -17.82 -15.94
CA MET C 105 -6.79 -18.13 -14.77
C MET C 105 -7.66 -19.40 -14.90
N ASN C 106 -8.33 -19.57 -16.05
CA ASN C 106 -9.20 -20.75 -16.23
C ASN C 106 -8.46 -22.04 -16.26
N ASP C 107 -7.31 -22.11 -16.91
CA ASP C 107 -6.58 -23.37 -16.93
C ASP C 107 -6.13 -23.76 -15.56
N LEU C 108 -5.75 -22.79 -14.74
CA LEU C 108 -5.34 -23.11 -13.37
C LEU C 108 -6.51 -23.43 -12.48
N ILE C 109 -7.63 -22.72 -12.65
CA ILE C 109 -8.85 -23.18 -11.95
C ILE C 109 -9.18 -24.64 -12.35
N GLU C 110 -9.17 -24.93 -13.64
N GLU C 110 -9.15 -24.96 -13.55
CA GLU C 110 -9.53 -26.25 -14.12
CA GLU C 110 -9.52 -26.28 -14.03
C GLU C 110 -8.58 -27.31 -13.56
C GLU C 110 -8.56 -27.35 -13.47
N LEU C 111 -7.29 -26.99 -13.49
CA LEU C 111 -6.30 -27.97 -12.99
C LEU C 111 -6.39 -28.15 -11.48
N MET C 112 -6.71 -27.06 -10.77
CA MET C 112 -6.44 -26.99 -9.33
C MET C 112 -7.66 -27.01 -8.43
N ASP C 113 -8.77 -26.45 -8.92
CA ASP C 113 -10.00 -26.31 -8.13
C ASP C 113 -9.61 -25.63 -6.83
N PRO C 114 -9.01 -24.44 -6.91
CA PRO C 114 -8.44 -23.78 -5.72
C PRO C 114 -9.51 -23.13 -4.88
N ARG C 115 -9.28 -22.88 -3.60
CA ARG C 115 -10.22 -21.98 -2.90
C ARG C 115 -10.28 -20.57 -3.50
N TYR C 116 -9.15 -19.90 -3.78
CA TYR C 116 -9.11 -18.53 -4.36
C TYR C 116 -7.97 -18.45 -5.34
N ILE C 117 -8.09 -17.65 -6.37
CA ILE C 117 -6.95 -17.38 -7.24
C ILE C 117 -7.08 -16.01 -7.93
N GLU C 118 -5.96 -15.32 -8.20
CA GLU C 118 -5.95 -14.08 -9.00
C GLU C 118 -4.70 -14.09 -9.85
N VAL C 119 -4.83 -13.40 -10.97
CA VAL C 119 -3.84 -13.33 -11.99
C VAL C 119 -3.80 -11.87 -12.35
N TRP C 120 -2.63 -11.27 -12.11
CA TRP C 120 -2.45 -9.87 -12.43
C TRP C 120 -1.29 -9.71 -13.42
N GLY C 121 -1.58 -9.23 -14.61
CA GLY C 121 -0.55 -9.08 -15.60
C GLY C 121 -0.24 -7.63 -15.87
N LYS C 122 1.05 -7.32 -15.92
CA LYS C 122 1.48 -5.96 -16.21
C LYS C 122 2.25 -5.99 -17.52
N PHE C 123 1.66 -5.46 -18.59
CA PHE C 123 2.28 -5.52 -19.88
C PHE C 123 3.17 -4.32 -20.19
N THR C 124 4.09 -4.48 -21.12
CA THR C 124 4.94 -3.33 -21.49
C THR C 124 4.16 -2.52 -22.53
N PRO C 125 4.31 -1.19 -22.57
CA PRO C 125 3.52 -0.32 -23.40
C PRO C 125 3.68 -0.47 -24.90
N ARG C 126 2.63 0.00 -25.61
CA ARG C 126 2.52 0.03 -27.07
C ARG C 126 1.85 1.31 -27.43
N GLY C 127 2.39 2.00 -28.43
CA GLY C 127 1.86 3.31 -28.79
C GLY C 127 1.69 4.17 -27.56
N GLY C 128 2.43 3.89 -26.49
CA GLY C 128 2.50 4.75 -25.29
C GLY C 128 1.67 4.36 -24.06
N ILE C 129 1.03 3.19 -24.11
CA ILE C 129 -0.09 2.88 -23.21
C ILE C 129 0.10 1.45 -22.88
N SER C 130 0.18 1.13 -21.60
CA SER C 130 0.25 -0.24 -21.17
C SER C 130 -1.08 -0.70 -20.51
N ILE C 131 -1.31 -2.00 -20.58
CA ILE C 131 -2.52 -2.63 -20.18
C ILE C 131 -2.20 -3.64 -19.10
N ASP C 132 -2.89 -3.53 -17.98
CA ASP C 132 -2.67 -4.31 -16.83
C ASP C 132 -3.96 -5.01 -16.49
N PRO C 133 -4.25 -6.16 -17.10
CA PRO C 133 -5.51 -6.87 -16.71
C PRO C 133 -5.49 -7.57 -15.36
N TYR C 134 -6.55 -7.42 -14.56
CA TYR C 134 -6.63 -8.17 -13.31
C TYR C 134 -7.97 -8.91 -13.07
N THR C 135 -7.89 -10.22 -12.96
CA THR C 135 -9.01 -11.07 -12.87
C THR C 135 -8.83 -11.92 -11.62
N ASN C 136 -9.92 -12.24 -10.92
CA ASN C 136 -9.85 -13.25 -9.84
C ASN C 136 -11.12 -14.12 -9.76
N TYR C 137 -11.09 -15.01 -8.79
CA TYR C 137 -12.07 -16.03 -8.61
C TYR C 137 -12.09 -16.54 -7.20
N GLY C 138 -13.22 -16.96 -6.68
CA GLY C 138 -13.25 -17.71 -5.39
C GLY C 138 -14.30 -18.80 -5.56
N LYS C 139 -14.18 -19.89 -4.80
CA LYS C 139 -15.15 -21.01 -4.89
C LYS C 139 -16.55 -20.47 -4.67
N PRO C 140 -17.47 -20.63 -5.68
CA PRO C 140 -18.88 -20.14 -5.61
C PRO C 140 -19.58 -20.68 -4.38
N GLY C 141 -20.25 -19.80 -3.64
CA GLY C 141 -21.05 -20.17 -2.45
C GLY C 141 -20.32 -19.99 -1.12
N THR C 142 -18.97 -20.01 -1.16
CA THR C 142 -18.11 -19.96 0.04
C THR C 142 -17.65 -18.55 0.44
N LYS C 143 -16.98 -18.44 1.60
CA LYS C 143 -16.37 -17.18 1.99
C LYS C 143 -15.33 -16.69 0.94
N TYR C 144 -14.71 -17.61 0.19
CA TYR C 144 -13.73 -17.21 -0.84
C TYR C 144 -14.33 -16.40 -1.94
N GLU C 145 -15.59 -16.65 -2.23
CA GLU C 145 -16.34 -15.89 -3.24
C GLU C 145 -16.47 -14.44 -2.87
N LYS C 146 -16.66 -14.21 -1.57
CA LYS C 146 -16.79 -12.90 -1.04
C LYS C 146 -15.42 -12.22 -1.06
N MET C 147 -14.38 -13.00 -0.78
CA MET C 147 -12.99 -12.58 -0.95
C MET C 147 -12.72 -12.03 -2.32
N ALA C 148 -13.07 -12.78 -3.33
CA ALA C 148 -12.83 -12.28 -4.60
C ALA C 148 -13.47 -10.94 -4.78
N GLU C 149 -14.72 -10.75 -4.30
CA GLU C 149 -15.46 -9.48 -4.50
C GLU C 149 -14.79 -8.37 -3.72
N TYR C 150 -14.41 -8.64 -2.49
CA TYR C 150 -13.72 -7.63 -1.76
C TYR C 150 -12.40 -7.18 -2.46
N ARG C 151 -11.58 -8.14 -2.87
CA ARG C 151 -10.34 -7.84 -3.52
C ARG C 151 -10.58 -7.15 -4.83
N MET C 152 -11.69 -7.49 -5.52
CA MET C 152 -12.08 -6.80 -6.75
C MET C 152 -12.62 -5.37 -6.51
N MET C 153 -13.52 -5.20 -5.55
CA MET C 153 -13.92 -3.88 -5.13
C MET C 153 -12.76 -2.98 -4.73
N ASN C 154 -11.77 -3.55 -4.06
CA ASN C 154 -10.69 -2.76 -3.53
C ASN C 154 -9.42 -2.79 -4.35
N HIS C 155 -9.48 -3.39 -5.53
CA HIS C 155 -8.31 -3.52 -6.36
C HIS C 155 -7.75 -2.23 -6.78
N ASP C 156 -6.48 -2.04 -6.52
CA ASP C 156 -5.72 -1.02 -7.17
C ASP C 156 -6.31 0.34 -6.91
N LEU C 157 -6.59 0.56 -5.65
CA LEU C 157 -7.06 1.80 -5.22
C LEU C 157 -5.98 2.87 -5.40
N TYR C 158 -4.71 2.55 -5.19
CA TYR C 158 -3.62 3.51 -5.45
C TYR C 158 -2.75 3.03 -6.62
N PRO C 159 -3.10 3.42 -7.83
CA PRO C 159 -2.33 2.82 -8.90
C PRO C 159 -0.91 3.41 -8.90
N GLU C 160 0.07 2.56 -9.21
CA GLU C 160 1.52 2.93 -9.23
C GLU C 160 1.86 3.90 -10.33
N THR C 161 2.85 4.73 -10.10
CA THR C 161 3.36 5.65 -11.11
C THR C 161 4.06 4.93 -12.28
N ILE C 162 3.58 5.16 -13.51
CA ILE C 162 4.13 4.57 -14.72
C ILE C 162 4.52 5.75 -15.55
N ASP C 163 5.72 5.69 -16.11
CA ASP C 163 6.23 6.73 -16.98
C ASP C 163 6.84 6.05 -18.23
N ASN C 164 6.70 4.74 -18.30
CA ASN C 164 7.15 4.04 -19.48
C ASN C 164 8.69 4.03 -19.58
N ARG C 165 9.40 4.14 -18.45
CA ARG C 165 10.86 3.95 -18.39
C ARG C 165 11.22 2.93 -17.33
N ASN D 21 30.07 -30.05 13.13
CA ASN D 21 29.63 -29.45 14.44
C ASN D 21 28.10 -29.14 14.50
N TYR D 22 27.47 -28.85 13.34
CA TYR D 22 26.04 -28.38 13.21
C TYR D 22 25.08 -29.37 12.50
N LEU D 23 23.83 -29.40 12.94
CA LEU D 23 22.82 -30.20 12.22
C LEU D 23 22.32 -29.49 10.95
N PHE D 24 22.34 -30.19 9.81
CA PHE D 24 21.79 -29.71 8.53
C PHE D 24 20.76 -30.70 7.97
N GLU D 25 20.45 -31.76 8.72
CA GLU D 25 19.25 -32.57 8.47
C GLU D 25 18.15 -32.08 9.40
N TYR D 26 16.91 -32.06 8.95
CA TYR D 26 15.88 -31.27 9.60
C TYR D 26 15.69 -31.63 11.05
N ALA D 27 15.76 -30.63 11.90
CA ALA D 27 15.69 -30.86 13.35
C ALA D 27 14.89 -29.86 14.20
N PRO D 28 13.57 -30.11 14.37
CA PRO D 28 12.65 -29.26 15.14
C PRO D 28 13.10 -29.05 16.57
N ASP D 29 13.87 -29.98 17.07
CA ASP D 29 14.14 -30.14 18.48
C ASP D 29 15.15 -29.16 19.06
N VAL D 30 15.90 -28.54 18.17
CA VAL D 30 16.81 -27.49 18.42
C VAL D 30 16.11 -26.17 18.84
N LEU D 31 14.81 -26.05 18.64
CA LEU D 31 14.04 -24.87 19.01
C LEU D 31 13.97 -24.63 20.52
N GLU D 32 14.23 -23.40 20.95
CA GLU D 32 14.19 -23.07 22.39
C GLU D 32 13.34 -21.84 22.66
N SER D 33 12.71 -21.81 23.82
CA SER D 33 11.86 -20.70 24.16
C SER D 33 12.31 -20.12 25.45
N PHE D 34 11.95 -18.87 25.70
CA PHE D 34 12.12 -18.28 27.00
C PHE D 34 10.84 -17.46 27.38
N PRO D 35 10.59 -17.24 28.68
CA PRO D 35 9.30 -16.58 29.01
C PRO D 35 9.12 -15.13 28.51
N ASN D 36 7.91 -14.76 28.16
CA ASN D 36 7.60 -13.36 27.81
C ASN D 36 7.45 -12.54 29.08
N LYS D 37 8.34 -11.60 29.36
CA LYS D 37 8.23 -10.73 30.57
C LYS D 37 7.15 -9.65 30.40
N HIS D 38 6.49 -9.66 29.25
CA HIS D 38 5.44 -8.67 28.99
C HIS D 38 4.18 -9.27 28.47
N VAL D 39 3.70 -10.32 29.14
CA VAL D 39 2.50 -11.10 28.75
C VAL D 39 1.26 -10.30 28.56
N ASN D 40 1.14 -9.14 29.17
CA ASN D 40 -0.15 -8.51 29.29
C ASN D 40 -0.36 -7.41 28.30
N ARG D 41 0.47 -7.43 27.28
CA ARG D 41 0.46 -6.47 26.21
C ARG D 41 0.65 -7.25 24.89
N ASP D 42 -0.08 -6.90 23.85
CA ASP D 42 0.23 -7.44 22.53
C ASP D 42 1.40 -6.66 21.92
N TYR D 43 2.46 -7.34 21.52
CA TYR D 43 3.48 -6.67 20.71
C TYR D 43 3.98 -7.58 19.59
N PHE D 44 4.60 -6.99 18.57
CA PHE D 44 5.03 -7.75 17.40
C PHE D 44 6.55 -8.04 17.45
N VAL D 45 6.98 -9.24 17.18
CA VAL D 45 8.38 -9.39 16.85
C VAL D 45 8.67 -9.98 15.51
N LYS D 46 9.53 -9.32 14.75
CA LYS D 46 9.87 -9.82 13.39
C LYS D 46 11.32 -10.36 13.28
N PHE D 47 11.45 -11.49 12.63
CA PHE D 47 12.73 -12.07 12.30
C PHE D 47 12.94 -11.99 10.83
N ASN D 48 13.97 -11.26 10.42
CA ASN D 48 14.43 -11.25 9.01
C ASN D 48 15.47 -12.31 8.81
N CYS D 49 15.28 -13.17 7.83
CA CYS D 49 16.09 -14.38 7.71
C CYS D 49 16.50 -14.55 6.28
N PRO D 50 17.47 -13.72 5.82
CA PRO D 50 17.93 -13.64 4.43
C PRO D 50 18.90 -14.76 3.93
N GLU D 51 19.16 -15.78 4.75
CA GLU D 51 20.25 -16.69 4.55
C GLU D 51 19.70 -18.11 4.45
N PHE D 52 18.41 -18.24 4.12
CA PHE D 52 17.81 -19.54 4.13
C PHE D 52 18.08 -20.30 2.85
N THR D 53 18.29 -21.60 3.00
CA THR D 53 18.47 -22.44 1.83
C THR D 53 18.08 -23.85 2.19
N SER D 54 17.46 -24.53 1.24
CA SER D 54 17.05 -25.92 1.34
C SER D 54 17.27 -26.58 -0.02
N LEU D 55 16.94 -27.87 -0.12
CA LEU D 55 17.02 -28.59 -1.40
C LEU D 55 15.66 -28.82 -2.06
N CYS D 56 15.61 -28.81 -3.38
CA CYS D 56 14.39 -29.14 -4.13
C CYS D 56 14.15 -30.63 -4.01
N PRO D 57 12.88 -31.06 -3.83
CA PRO D 57 12.65 -32.49 -3.52
C PRO D 57 12.92 -33.43 -4.70
N LYS D 58 12.45 -33.12 -5.89
CA LYS D 58 12.75 -34.03 -6.99
C LYS D 58 14.22 -33.90 -7.46
N THR D 59 14.60 -32.69 -7.88
CA THR D 59 15.87 -32.48 -8.56
C THR D 59 17.07 -32.81 -7.67
N GLY D 60 16.98 -32.41 -6.40
CA GLY D 60 18.15 -32.38 -5.50
C GLY D 60 18.86 -31.03 -5.40
N GLN D 61 18.45 -30.06 -6.24
CA GLN D 61 19.11 -28.78 -6.44
C GLN D 61 18.74 -27.73 -5.37
N PRO D 62 19.72 -26.91 -4.91
CA PRO D 62 19.57 -25.90 -3.88
C PRO D 62 18.56 -24.73 -4.17
N ASP D 63 17.79 -24.36 -3.15
CA ASP D 63 16.76 -23.37 -3.28
C ASP D 63 17.24 -22.30 -2.36
N PHE D 64 16.83 -21.05 -2.57
CA PHE D 64 17.21 -19.96 -1.69
C PHE D 64 16.07 -18.99 -1.39
N ALA D 65 16.06 -18.38 -0.20
CA ALA D 65 14.99 -17.48 0.16
C ALA D 65 15.41 -16.53 1.18
N THR D 66 14.69 -15.43 1.24
CA THR D 66 14.59 -14.65 2.46
C THR D 66 13.26 -15.03 3.11
N ILE D 67 13.33 -15.38 4.39
CA ILE D 67 12.13 -15.66 5.14
C ILE D 67 11.87 -14.56 6.19
N TYR D 68 10.66 -13.97 6.16
CA TYR D 68 10.15 -13.06 7.20
C TYR D 68 9.13 -13.77 8.11
N ILE D 69 9.37 -13.73 9.41
CA ILE D 69 8.58 -14.43 10.39
C ILE D 69 8.27 -13.43 11.43
N SER D 70 6.97 -13.05 11.56
CA SER D 70 6.45 -12.09 12.57
C SER D 70 5.34 -12.74 13.40
N TYR D 71 5.38 -12.54 14.69
CA TYR D 71 4.49 -13.25 15.51
C TYR D 71 4.22 -12.44 16.73
N ILE D 72 3.02 -12.60 17.34
CA ILE D 72 2.75 -11.96 18.61
C ILE D 72 2.89 -12.98 19.74
N PRO D 73 3.74 -12.71 20.72
CA PRO D 73 3.81 -13.79 21.67
C PRO D 73 2.65 -13.86 22.74
N ASP D 74 2.50 -15.04 23.30
CA ASP D 74 1.77 -15.18 24.53
C ASP D 74 2.71 -15.34 25.71
N GLU D 75 3.07 -16.54 26.09
CA GLU D 75 4.02 -16.70 27.21
C GLU D 75 5.46 -17.08 26.86
N LYS D 76 5.68 -17.59 25.64
CA LYS D 76 6.98 -18.09 25.27
C LYS D 76 7.51 -17.31 24.03
N MET D 77 8.71 -16.76 24.11
CA MET D 77 9.43 -16.25 22.93
C MET D 77 10.35 -17.35 22.30
N VAL D 78 10.54 -17.36 21.00
CA VAL D 78 11.52 -18.27 20.43
C VAL D 78 12.89 -17.63 20.61
N GLU D 79 13.89 -18.38 21.05
CA GLU D 79 15.24 -17.80 21.24
C GLU D 79 15.96 -17.74 19.86
N SER D 80 16.58 -16.60 19.50
CA SER D 80 16.99 -16.47 18.08
C SER D 80 18.10 -17.42 17.64
N LYS D 81 19.11 -17.57 18.49
CA LYS D 81 20.20 -18.52 18.19
C LYS D 81 19.62 -19.91 17.85
N SER D 82 18.56 -20.29 18.56
CA SER D 82 17.95 -21.57 18.30
C SER D 82 17.11 -21.54 17.05
N LEU D 83 16.58 -20.38 16.69
CA LEU D 83 15.86 -20.31 15.41
C LEU D 83 16.87 -20.47 14.26
N LYS D 84 18.02 -19.80 14.43
CA LYS D 84 19.18 -19.97 13.52
C LYS D 84 19.51 -21.41 13.22
N LEU D 85 19.73 -22.20 14.26
CA LEU D 85 20.09 -23.62 14.06
C LEU D 85 18.95 -24.36 13.44
N TYR D 86 17.75 -23.96 13.78
CA TYR D 86 16.60 -24.65 13.27
C TYR D 86 16.51 -24.39 11.79
N LEU D 87 16.69 -23.15 11.37
CA LEU D 87 16.70 -22.82 9.95
C LEU D 87 17.84 -23.50 9.20
N PHE D 88 19.05 -23.52 9.78
CA PHE D 88 20.20 -24.26 9.17
C PHE D 88 19.79 -25.73 8.93
N SER D 89 18.83 -26.22 9.66
CA SER D 89 18.65 -27.63 9.77
C SER D 89 17.95 -28.05 8.53
N PHE D 90 17.80 -27.12 7.61
CA PHE D 90 17.08 -27.40 6.36
C PHE D 90 17.97 -27.49 5.16
N ARG D 91 19.26 -27.17 5.35
CA ARG D 91 20.27 -27.06 4.27
C ARG D 91 20.29 -28.33 3.47
N ASN D 92 20.35 -29.51 4.12
CA ASN D 92 20.27 -30.74 3.29
C ASN D 92 18.91 -31.45 3.24
N HIS D 93 17.86 -30.88 3.86
CA HIS D 93 16.49 -31.48 3.78
C HIS D 93 15.74 -30.97 2.55
N GLY D 94 15.12 -31.86 1.83
CA GLY D 94 14.34 -31.45 0.67
C GLY D 94 12.86 -31.31 1.01
N ASP D 95 12.28 -30.17 0.64
CA ASP D 95 10.82 -30.01 0.57
C ASP D 95 10.48 -28.92 -0.39
N PHE D 96 9.25 -28.92 -0.89
CA PHE D 96 8.73 -27.79 -1.63
C PHE D 96 8.62 -26.56 -0.73
N HIS D 97 8.82 -25.38 -1.34
CA HIS D 97 8.71 -24.09 -0.66
C HIS D 97 7.41 -23.92 0.18
N GLU D 98 6.25 -24.22 -0.41
CA GLU D 98 4.97 -24.06 0.29
C GLU D 98 4.91 -24.88 1.53
N ASP D 99 5.43 -26.10 1.43
CA ASP D 99 5.53 -26.98 2.58
C ASP D 99 6.42 -26.40 3.65
N CYS D 100 7.57 -25.87 3.25
CA CYS D 100 8.59 -25.42 4.17
C CYS D 100 8.08 -24.28 5.04
N MET D 101 7.33 -23.37 4.42
CA MET D 101 6.77 -22.24 5.14
C MET D 101 5.77 -22.77 6.19
N ASN D 102 4.88 -23.67 5.79
CA ASN D 102 3.92 -24.34 6.74
C ASN D 102 4.56 -25.15 7.87
N ILE D 103 5.61 -25.94 7.52
CA ILE D 103 6.45 -26.66 8.52
C ILE D 103 7.10 -25.67 9.50
N ILE D 104 7.64 -24.59 8.98
CA ILE D 104 8.30 -23.67 9.89
C ILE D 104 7.21 -23.08 10.81
N MET D 105 6.14 -22.59 10.21
CA MET D 105 5.03 -22.09 11.03
C MET D 105 4.57 -23.10 12.04
N ASN D 106 4.34 -24.33 11.64
CA ASN D 106 3.86 -25.32 12.57
C ASN D 106 4.79 -25.66 13.72
N ASP D 107 6.07 -25.78 13.48
CA ASP D 107 7.03 -26.04 14.58
C ASP D 107 7.13 -24.83 15.49
N LEU D 108 6.87 -23.64 14.96
CA LEU D 108 6.91 -22.47 15.84
C LEU D 108 5.64 -22.33 16.69
N ILE D 109 4.49 -22.72 16.14
CA ILE D 109 3.24 -22.79 16.91
C ILE D 109 3.35 -23.82 18.03
N GLU D 110 3.90 -24.98 17.67
CA GLU D 110 4.19 -26.02 18.65
C GLU D 110 5.04 -25.48 19.78
N LEU D 111 6.12 -24.79 19.45
CA LEU D 111 7.05 -24.39 20.46
C LEU D 111 6.47 -23.35 21.41
N MET D 112 5.74 -22.39 20.84
CA MET D 112 5.38 -21.19 21.61
C MET D 112 3.92 -20.95 21.88
N ASP D 113 3.00 -21.61 21.12
CA ASP D 113 1.53 -21.43 21.33
C ASP D 113 1.29 -19.88 21.39
N PRO D 114 1.51 -19.18 20.26
CA PRO D 114 1.41 -17.72 20.26
C PRO D 114 0.03 -17.15 19.90
N ARG D 115 -0.20 -15.89 20.23
CA ARG D 115 -1.46 -15.28 19.87
C ARG D 115 -1.60 -15.29 18.36
N TYR D 116 -0.54 -14.85 17.62
CA TYR D 116 -0.55 -14.74 16.15
C TYR D 116 0.86 -15.01 15.58
N ILE D 117 0.92 -15.69 14.44
CA ILE D 117 2.20 -15.83 13.73
C ILE D 117 1.99 -15.74 12.23
N GLU D 118 2.97 -15.16 11.51
CA GLU D 118 3.01 -15.32 10.07
C GLU D 118 4.40 -15.66 9.56
N VAL D 119 4.46 -16.53 8.57
CA VAL D 119 5.71 -16.80 7.91
C VAL D 119 5.54 -16.44 6.46
N TRP D 120 6.36 -15.51 5.95
CA TRP D 120 6.35 -15.12 4.51
C TRP D 120 7.74 -15.44 3.84
N GLY D 121 7.77 -16.34 2.85
CA GLY D 121 9.00 -16.83 2.27
C GLY D 121 9.09 -16.30 0.86
N LYS D 122 10.24 -15.73 0.50
CA LYS D 122 10.43 -15.16 -0.82
C LYS D 122 11.64 -15.81 -1.44
N PHE D 123 11.40 -16.66 -2.44
CA PHE D 123 12.41 -17.53 -3.00
C PHE D 123 13.03 -16.98 -4.29
N THR D 124 14.32 -17.33 -4.52
CA THR D 124 14.99 -16.95 -5.78
C THR D 124 14.40 -17.70 -6.97
N PRO D 125 14.37 -17.09 -8.14
CA PRO D 125 13.68 -17.77 -9.26
C PRO D 125 14.35 -19.03 -9.78
N ARG D 126 13.54 -19.96 -10.28
CA ARG D 126 13.90 -21.15 -11.05
C ARG D 126 13.08 -21.11 -12.35
N GLY D 127 13.69 -21.52 -13.45
CA GLY D 127 12.99 -21.49 -14.69
C GLY D 127 12.29 -20.18 -14.94
N GLY D 128 12.80 -19.07 -14.41
CA GLY D 128 12.15 -17.77 -14.63
C GLY D 128 11.09 -17.40 -13.58
N ILE D 129 10.54 -18.42 -12.88
CA ILE D 129 9.43 -18.22 -11.95
C ILE D 129 10.01 -18.20 -10.53
N SER D 130 9.61 -17.27 -9.64
CA SER D 130 9.90 -17.43 -8.21
C SER D 130 8.61 -17.53 -7.42
N ILE D 131 8.69 -18.19 -6.27
CA ILE D 131 7.56 -18.62 -5.48
C ILE D 131 7.64 -18.02 -4.11
N ASP D 132 6.59 -17.30 -3.72
CA ASP D 132 6.55 -16.58 -2.48
C ASP D 132 5.32 -17.02 -1.68
N PRO D 133 5.42 -18.08 -0.88
CA PRO D 133 4.29 -18.59 -0.11
C PRO D 133 4.11 -17.79 1.14
N TYR D 134 2.88 -17.49 1.52
CA TYR D 134 2.68 -16.75 2.78
C TYR D 134 1.65 -17.50 3.57
N THR D 135 2.01 -17.83 4.81
CA THR D 135 1.09 -18.54 5.69
C THR D 135 0.91 -17.83 7.03
N ASN D 136 -0.30 -17.85 7.62
CA ASN D 136 -0.49 -17.31 9.00
C ASN D 136 -1.41 -18.15 9.91
N TYR D 137 -1.51 -17.74 11.15
CA TYR D 137 -2.31 -18.42 12.10
C TYR D 137 -2.60 -17.44 13.22
N GLY D 138 -3.82 -17.44 13.73
CA GLY D 138 -4.18 -16.73 14.96
C GLY D 138 -4.79 -17.79 15.87
N LYS D 139 -4.59 -17.67 17.17
CA LYS D 139 -5.11 -18.63 18.13
C LYS D 139 -6.65 -18.72 17.96
N PRO D 140 -7.20 -19.93 17.72
CA PRO D 140 -8.60 -20.12 17.22
C PRO D 140 -9.70 -19.69 18.24
N GLY D 141 -10.81 -19.13 17.72
CA GLY D 141 -11.85 -18.51 18.55
C GLY D 141 -11.53 -17.15 19.17
N THR D 142 -10.33 -16.57 18.90
CA THR D 142 -9.96 -15.28 19.48
C THR D 142 -9.94 -14.12 18.43
N LYS D 143 -9.71 -12.87 18.86
CA LYS D 143 -9.45 -11.77 17.91
C LYS D 143 -8.28 -12.01 16.96
N TYR D 144 -7.31 -12.81 17.37
CA TYR D 144 -6.15 -13.17 16.52
C TYR D 144 -6.49 -14.02 15.33
N GLU D 145 -7.45 -14.92 15.50
CA GLU D 145 -7.97 -15.62 14.34
C GLU D 145 -8.53 -14.65 13.31
N LYS D 146 -9.22 -13.60 13.77
CA LYS D 146 -9.77 -12.56 12.88
C LYS D 146 -8.69 -11.69 12.21
N MET D 147 -7.62 -11.47 12.96
CA MET D 147 -6.47 -10.78 12.44
C MET D 147 -5.81 -11.61 11.30
N ALA D 148 -5.69 -12.93 11.50
CA ALA D 148 -5.21 -13.83 10.46
C ALA D 148 -6.07 -13.78 9.22
N GLU D 149 -7.40 -13.84 9.39
CA GLU D 149 -8.30 -13.84 8.25
C GLU D 149 -8.21 -12.52 7.58
N TYR D 150 -8.17 -11.45 8.36
CA TYR D 150 -7.95 -10.14 7.80
C TYR D 150 -6.62 -9.98 7.03
N ARG D 151 -5.50 -10.32 7.68
CA ARG D 151 -4.21 -10.19 7.04
C ARG D 151 -4.13 -11.13 5.84
N MET D 152 -4.92 -12.19 5.82
CA MET D 152 -4.86 -13.13 4.69
C MET D 152 -5.62 -12.55 3.50
N MET D 153 -6.78 -11.99 3.81
CA MET D 153 -7.75 -11.59 2.78
C MET D 153 -7.23 -10.29 2.18
N ASN D 154 -6.51 -9.49 2.96
CA ASN D 154 -5.83 -8.33 2.46
C ASN D 154 -4.40 -8.57 2.01
N HIS D 155 -3.95 -9.83 2.01
CA HIS D 155 -2.59 -10.14 1.63
C HIS D 155 -2.22 -9.71 0.24
N ASP D 156 -1.13 -8.94 0.16
CA ASP D 156 -0.55 -8.60 -1.14
C ASP D 156 -1.46 -7.95 -2.12
N LEU D 157 -2.23 -6.98 -1.70
CA LEU D 157 -3.04 -6.22 -2.61
C LEU D 157 -2.18 -5.51 -3.61
N TYR D 158 -0.97 -5.22 -3.26
CA TYR D 158 0.00 -4.58 -4.20
C TYR D 158 1.29 -5.35 -4.33
N PRO D 159 1.36 -6.31 -5.22
CA PRO D 159 2.64 -7.11 -5.17
C PRO D 159 3.87 -6.31 -5.61
N GLU D 160 5.00 -6.47 -4.90
CA GLU D 160 6.23 -5.71 -5.22
C GLU D 160 6.70 -6.01 -6.65
N THR D 161 7.23 -5.03 -7.39
CA THR D 161 7.80 -5.29 -8.75
C THR D 161 8.97 -6.31 -8.69
N ILE D 162 8.87 -7.35 -9.51
CA ILE D 162 9.94 -8.37 -9.66
C ILE D 162 10.36 -8.50 -11.11
N ASP D 163 11.66 -8.37 -11.34
CA ASP D 163 12.23 -8.47 -12.68
C ASP D 163 13.33 -9.55 -12.75
N ASN D 164 13.46 -10.31 -11.68
CA ASN D 164 14.45 -11.35 -11.58
C ASN D 164 15.86 -10.86 -11.48
N ARG D 165 16.07 -9.61 -11.13
CA ARG D 165 17.41 -9.05 -10.99
C ARG D 165 17.62 -8.24 -9.72
N ASN E 21 30.84 13.15 32.35
CA ASN E 21 29.88 12.43 33.24
C ASN E 21 28.56 12.01 32.51
N TYR E 22 28.55 10.75 32.05
CA TYR E 22 27.35 10.08 31.52
C TYR E 22 27.24 8.71 32.18
N LEU E 23 26.01 8.31 32.51
CA LEU E 23 25.72 7.00 33.10
C LEU E 23 25.51 5.98 31.98
N PHE E 24 26.24 4.86 32.06
CA PHE E 24 26.17 3.80 31.04
C PHE E 24 25.51 2.54 31.58
N GLU E 25 25.14 2.60 32.86
CA GLU E 25 24.18 1.66 33.41
C GLU E 25 22.77 2.25 33.27
N TYR E 26 21.80 1.37 33.11
CA TYR E 26 20.42 1.78 32.88
C TYR E 26 19.95 2.84 33.89
N ALA E 27 19.41 3.94 33.37
CA ALA E 27 19.14 5.18 34.09
C ALA E 27 17.86 5.94 33.61
N PRO E 28 16.72 5.50 34.04
CA PRO E 28 15.45 6.15 33.74
C PRO E 28 15.36 7.53 34.32
N ASP E 29 16.09 7.77 35.37
CA ASP E 29 15.95 8.97 36.15
C ASP E 29 16.38 10.18 35.38
N VAL E 30 17.01 9.95 34.24
CA VAL E 30 17.56 11.03 33.45
C VAL E 30 16.57 11.65 32.46
N LEU E 31 15.46 10.96 32.23
CA LEU E 31 14.37 11.41 31.38
C LEU E 31 13.68 12.60 32.02
N GLU E 32 13.36 13.59 31.19
CA GLU E 32 12.72 14.81 31.62
C GLU E 32 11.64 15.17 30.65
N SER E 33 10.64 15.90 31.16
CA SER E 33 9.49 16.31 30.41
C SER E 33 9.36 17.78 30.36
N PHE E 34 8.52 18.26 29.45
CA PHE E 34 8.07 19.62 29.44
C PHE E 34 6.59 19.63 28.98
N PRO E 35 5.84 20.69 29.36
CA PRO E 35 4.53 21.04 28.79
C PRO E 35 4.43 21.03 27.27
N ASN E 36 3.53 20.16 26.81
CA ASN E 36 2.99 20.14 25.46
C ASN E 36 2.42 21.51 25.00
N LYS E 37 2.98 22.01 23.93
CA LYS E 37 2.63 23.28 23.33
C LYS E 37 1.22 23.33 22.76
N HIS E 38 0.77 22.26 22.13
CA HIS E 38 -0.62 22.12 21.77
C HIS E 38 -1.29 20.89 22.33
N VAL E 39 -1.83 20.99 23.53
CA VAL E 39 -2.73 20.00 24.09
C VAL E 39 -4.01 19.89 23.32
N ASN E 40 -4.30 20.93 22.58
CA ASN E 40 -5.53 21.04 21.85
C ASN E 40 -5.59 19.99 20.76
N ARG E 41 -4.44 19.43 20.42
CA ARG E 41 -4.22 18.76 19.14
C ARG E 41 -3.58 17.37 19.28
N ASP E 42 -3.51 16.62 18.17
CA ASP E 42 -3.16 15.19 18.17
C ASP E 42 -1.78 14.80 17.62
N TYR E 43 -0.94 15.79 17.32
CA TYR E 43 0.16 15.66 16.39
C TYR E 43 1.09 14.53 16.82
N PHE E 44 1.64 13.79 15.84
CA PHE E 44 2.70 12.86 16.18
C PHE E 44 4.00 13.62 16.47
N VAL E 45 4.69 13.25 17.52
CA VAL E 45 6.08 13.58 17.59
C VAL E 45 6.97 12.39 17.44
N LYS E 46 7.96 12.55 16.61
CA LYS E 46 8.82 11.44 16.13
C LYS E 46 10.26 11.58 16.52
N PHE E 47 10.79 10.55 17.13
CA PHE E 47 12.20 10.55 17.45
C PHE E 47 12.85 9.42 16.64
N ASN E 48 14.07 9.64 16.19
CA ASN E 48 14.75 8.64 15.39
C ASN E 48 16.16 8.40 15.89
N CYS E 49 16.45 7.28 16.55
CA CYS E 49 17.78 7.05 17.12
C CYS E 49 18.70 6.02 16.45
N PRO E 50 19.61 6.48 15.56
CA PRO E 50 20.36 5.54 14.74
C PRO E 50 21.49 4.85 15.53
N GLU E 51 21.66 5.19 16.79
CA GLU E 51 22.82 4.69 17.50
C GLU E 51 22.51 4.16 18.86
N PHE E 52 21.53 3.31 18.93
CA PHE E 52 21.28 2.66 20.14
C PHE E 52 22.17 1.46 20.06
N THR E 53 22.61 0.99 21.23
CA THR E 53 23.36 -0.23 21.41
C THR E 53 23.20 -0.60 22.90
N SER E 54 23.14 -1.90 23.17
CA SER E 54 23.05 -2.50 24.48
C SER E 54 23.78 -3.87 24.53
N LEU E 55 23.86 -4.50 25.70
CA LEU E 55 24.32 -5.90 25.78
C LEU E 55 23.23 -6.99 25.71
N CYS E 56 23.65 -8.15 25.20
CA CYS E 56 22.83 -9.34 24.93
C CYS E 56 23.04 -10.26 26.10
N PRO E 57 21.96 -10.75 26.70
CA PRO E 57 22.15 -11.25 28.07
C PRO E 57 22.91 -12.58 28.17
N LYS E 58 22.87 -13.38 27.12
CA LYS E 58 23.37 -14.75 27.24
C LYS E 58 24.90 -14.78 27.12
N THR E 59 25.41 -13.93 26.22
CA THR E 59 26.77 -14.01 25.73
C THR E 59 27.61 -12.78 26.08
N GLY E 60 26.96 -11.67 26.42
CA GLY E 60 27.72 -10.49 26.78
C GLY E 60 28.03 -9.63 25.55
N GLN E 61 27.85 -10.19 24.35
CA GLN E 61 28.12 -9.48 23.10
C GLN E 61 27.13 -8.31 22.83
N PRO E 62 27.66 -7.15 22.38
CA PRO E 62 26.92 -5.97 22.07
C PRO E 62 25.95 -6.12 20.89
N ASP E 63 24.93 -5.29 20.88
CA ASP E 63 23.86 -5.35 19.94
C ASP E 63 23.60 -3.96 19.46
N PHE E 64 23.02 -3.84 18.25
CA PHE E 64 22.89 -2.55 17.63
C PHE E 64 21.56 -2.35 16.95
N ALA E 65 21.02 -1.14 17.00
CA ALA E 65 19.73 -0.92 16.42
C ALA E 65 19.52 0.50 16.05
N THR E 66 18.53 0.74 15.19
CA THR E 66 17.90 2.04 15.09
C THR E 66 16.49 1.98 15.77
N ILE E 67 16.25 2.84 16.72
CA ILE E 67 14.97 2.87 17.37
C ILE E 67 14.14 4.03 16.85
N TYR E 68 12.91 3.71 16.44
CA TYR E 68 11.93 4.71 16.05
C TYR E 68 10.84 4.77 17.10
N ILE E 69 10.61 5.97 17.59
CA ILE E 69 9.67 6.21 18.66
C ILE E 69 8.73 7.27 18.17
N SER E 70 7.42 6.98 18.24
CA SER E 70 6.38 7.98 17.97
C SER E 70 5.29 7.96 19.02
N TYR E 71 4.85 9.16 19.34
CA TYR E 71 3.86 9.27 20.32
C TYR E 71 3.02 10.50 20.09
N ILE E 72 1.78 10.45 20.65
CA ILE E 72 0.91 11.61 20.68
C ILE E 72 0.85 12.06 22.12
N PRO E 73 1.34 13.26 22.41
CA PRO E 73 1.32 13.65 23.86
C PRO E 73 -0.07 14.03 24.38
N ASP E 74 -0.22 13.97 25.67
CA ASP E 74 -1.29 14.62 26.35
C ASP E 74 -0.73 15.88 26.90
N GLU E 75 -0.34 15.89 28.14
CA GLU E 75 0.17 17.14 28.69
C GLU E 75 1.69 17.33 28.60
N LYS E 76 2.41 16.22 28.45
CA LYS E 76 3.85 16.24 28.56
C LYS E 76 4.58 15.73 27.31
N MET E 77 5.71 16.35 27.04
CA MET E 77 6.58 15.89 25.97
C MET E 77 7.95 15.47 26.50
N VAL E 78 8.56 14.46 25.90
CA VAL E 78 9.89 14.06 26.39
C VAL E 78 10.93 15.03 25.86
N GLU E 79 11.78 15.53 26.75
CA GLU E 79 12.86 16.46 26.33
C GLU E 79 13.84 15.69 25.46
N SER E 80 13.95 16.04 24.20
CA SER E 80 14.72 15.24 23.27
C SER E 80 16.23 14.94 23.67
N LYS E 81 16.96 15.92 24.21
CA LYS E 81 18.27 15.66 24.81
C LYS E 81 18.31 14.48 25.80
N SER E 82 17.48 14.57 26.83
CA SER E 82 17.39 13.57 27.89
C SER E 82 17.01 12.18 27.40
N LEU E 83 16.27 12.13 26.29
CA LEU E 83 15.98 10.85 25.64
C LEU E 83 17.25 10.23 25.00
N LYS E 84 17.99 11.03 24.23
CA LYS E 84 19.36 10.63 23.82
C LYS E 84 20.21 9.98 24.96
N LEU E 85 20.41 10.70 26.06
CA LEU E 85 21.09 10.16 27.26
C LEU E 85 20.47 8.89 27.81
N TYR E 86 19.15 8.88 27.83
CA TYR E 86 18.46 7.72 28.36
C TYR E 86 18.84 6.50 27.54
N LEU E 87 18.91 6.69 26.22
CA LEU E 87 19.21 5.62 25.27
C LEU E 87 20.67 5.19 25.34
N PHE E 88 21.58 6.15 25.48
CA PHE E 88 22.98 5.82 25.78
C PHE E 88 23.10 4.99 27.09
N SER E 89 22.18 5.18 28.04
CA SER E 89 22.30 4.42 29.31
C SER E 89 22.15 2.92 29.12
N PHE E 90 21.88 2.48 27.91
CA PHE E 90 21.73 1.06 27.69
C PHE E 90 23.06 0.37 27.32
N ARG E 91 24.09 1.19 27.15
CA ARG E 91 25.31 0.72 26.57
C ARG E 91 25.96 -0.46 27.35
N ASN E 92 25.81 -0.50 28.68
CA ASN E 92 26.19 -1.71 29.43
C ASN E 92 25.03 -2.51 30.08
N HIS E 93 23.80 -2.26 29.66
CA HIS E 93 22.67 -3.02 30.23
C HIS E 93 22.55 -4.25 29.40
N GLY E 94 22.28 -5.38 30.04
CA GLY E 94 22.11 -6.62 29.30
C GLY E 94 20.65 -7.08 29.30
N ASP E 95 20.02 -7.03 28.15
CA ASP E 95 18.66 -7.59 28.04
C ASP E 95 18.36 -7.97 26.61
N PHE E 96 17.33 -8.77 26.42
CA PHE E 96 16.85 -9.06 25.09
C PHE E 96 16.22 -7.85 24.38
N HIS E 97 16.08 -7.95 23.06
CA HIS E 97 15.61 -6.81 22.27
C HIS E 97 14.10 -6.50 22.46
N GLU E 98 13.27 -7.54 22.44
CA GLU E 98 11.85 -7.48 22.79
C GLU E 98 11.65 -6.83 24.13
N ASP E 99 12.40 -7.29 25.14
CA ASP E 99 12.33 -6.68 26.47
C ASP E 99 12.75 -5.22 26.43
N CYS E 100 13.91 -4.92 25.86
CA CYS E 100 14.29 -3.53 25.70
C CYS E 100 13.21 -2.62 25.14
N MET E 101 12.63 -2.96 23.99
CA MET E 101 11.63 -2.09 23.37
C MET E 101 10.45 -1.83 24.34
N ASN E 102 10.02 -2.85 25.06
CA ASN E 102 9.06 -2.69 26.17
C ASN E 102 9.54 -1.85 27.40
N ILE E 103 10.78 -2.05 27.88
CA ILE E 103 11.28 -1.17 28.92
C ILE E 103 11.25 0.29 28.44
N ILE E 104 11.72 0.56 27.22
CA ILE E 104 11.79 1.95 26.74
C ILE E 104 10.37 2.52 26.63
N MET E 105 9.44 1.79 25.99
CA MET E 105 8.05 2.23 25.97
C MET E 105 7.48 2.56 27.40
N ASN E 106 7.60 1.61 28.36
CA ASN E 106 7.17 1.77 29.76
C ASN E 106 7.73 2.96 30.43
N ASP E 107 9.04 3.09 30.34
CA ASP E 107 9.65 4.26 30.95
C ASP E 107 9.08 5.51 30.36
N LEU E 108 8.86 5.54 29.05
CA LEU E 108 8.27 6.74 28.41
C LEU E 108 6.82 7.01 28.80
N ILE E 109 6.02 5.96 28.86
CA ILE E 109 4.66 6.02 29.41
C ILE E 109 4.60 6.61 30.85
N GLU E 110 5.34 6.02 31.80
CA GLU E 110 5.55 6.54 33.16
C GLU E 110 6.02 7.98 33.23
N LEU E 111 6.66 8.46 32.22
CA LEU E 111 7.20 9.78 32.36
C LEU E 111 6.21 10.86 31.86
N MET E 112 5.33 10.46 30.97
CA MET E 112 4.73 11.41 30.08
C MET E 112 3.23 11.35 30.07
N ASP E 113 2.67 10.24 30.57
CA ASP E 113 1.23 9.86 30.44
C ASP E 113 0.70 10.12 28.97
N PRO E 114 1.32 9.50 27.95
CA PRO E 114 1.02 9.90 26.57
C PRO E 114 -0.37 9.41 26.16
N ARG E 115 -0.96 10.02 25.13
CA ARG E 115 -2.21 9.49 24.59
C ARG E 115 -1.90 8.21 23.84
N TYR E 116 -0.85 8.27 23.00
CA TYR E 116 -0.46 7.14 22.19
C TYR E 116 1.04 7.11 22.07
N ILE E 117 1.60 5.91 22.08
CA ILE E 117 2.98 5.73 21.84
C ILE E 117 3.31 4.39 21.15
N GLU E 118 4.33 4.43 20.29
CA GLU E 118 4.90 3.19 19.80
C GLU E 118 6.41 3.32 19.64
N VAL E 119 7.03 2.16 19.80
CA VAL E 119 8.44 2.04 19.71
C VAL E 119 8.75 0.89 18.76
N TRP E 120 9.44 1.20 17.68
CA TRP E 120 9.85 0.17 16.74
C TRP E 120 11.41 0.02 16.73
N GLY E 121 11.88 -1.23 16.74
CA GLY E 121 13.28 -1.51 16.93
C GLY E 121 13.78 -2.35 15.76
N LYS E 122 14.92 -1.92 15.17
CA LYS E 122 15.53 -2.63 14.03
C LYS E 122 16.96 -2.97 14.38
N PHE E 123 17.20 -4.22 14.73
CA PHE E 123 18.49 -4.70 15.15
C PHE E 123 19.33 -5.13 13.95
N THR E 124 20.66 -5.11 14.11
CA THR E 124 21.61 -5.63 13.07
C THR E 124 21.68 -7.11 13.26
N PRO E 125 21.93 -7.89 12.22
CA PRO E 125 21.85 -9.34 12.42
C PRO E 125 22.92 -9.99 13.27
N ARG E 126 22.57 -11.15 13.83
CA ARG E 126 23.41 -12.04 14.63
C ARG E 126 23.08 -13.44 14.14
N GLY E 127 24.07 -14.21 13.75
CA GLY E 127 23.73 -15.52 13.21
C GLY E 127 22.93 -15.50 11.89
N GLY E 128 23.03 -14.40 11.12
CA GLY E 128 22.22 -14.23 9.93
C GLY E 128 20.80 -13.68 10.12
N ILE E 129 20.33 -13.59 11.36
CA ILE E 129 18.94 -13.22 11.61
C ILE E 129 18.90 -11.90 12.30
N SER E 130 18.09 -10.95 11.83
CA SER E 130 17.84 -9.76 12.63
C SER E 130 16.42 -9.70 13.26
N ILE E 131 16.30 -9.00 14.37
CA ILE E 131 15.10 -9.03 15.16
C ILE E 131 14.55 -7.62 15.23
N ASP E 132 13.37 -7.41 14.63
CA ASP E 132 12.68 -6.13 14.73
C ASP E 132 11.47 -6.15 15.67
N PRO E 133 11.67 -5.84 16.95
CA PRO E 133 10.44 -5.76 17.80
C PRO E 133 9.62 -4.49 17.61
N TYR E 134 8.28 -4.63 17.58
CA TYR E 134 7.38 -3.45 17.58
C TYR E 134 6.32 -3.51 18.69
N THR E 135 6.28 -2.49 19.53
CA THR E 135 5.35 -2.42 20.63
C THR E 135 4.58 -1.09 20.64
N ASN E 136 3.29 -1.08 20.95
CA ASN E 136 2.52 0.16 21.10
C ASN E 136 1.62 0.22 22.33
N TYR E 137 1.05 1.39 22.56
CA TYR E 137 0.09 1.60 23.61
C TYR E 137 -0.82 2.77 23.28
N GLY E 138 -2.08 2.69 23.64
CA GLY E 138 -2.93 3.85 23.73
C GLY E 138 -3.68 3.96 25.03
N LYS E 139 -3.93 5.17 25.53
CA LYS E 139 -4.71 5.27 26.80
C LYS E 139 -5.93 4.34 26.82
N PRO E 140 -6.06 3.55 27.89
CA PRO E 140 -7.11 2.50 27.99
C PRO E 140 -8.47 3.23 28.08
N GLY E 141 -9.47 2.68 27.36
CA GLY E 141 -10.78 3.30 27.14
C GLY E 141 -10.93 4.33 26.04
N THR E 142 -9.83 4.93 25.61
CA THR E 142 -9.95 6.02 24.65
C THR E 142 -9.94 5.46 23.30
N LYS E 143 -10.25 6.28 22.31
CA LYS E 143 -10.01 5.93 20.92
C LYS E 143 -8.50 5.69 20.59
N TYR E 144 -7.58 6.16 21.45
CA TYR E 144 -6.15 5.84 21.29
C TYR E 144 -5.88 4.35 21.47
N GLU E 145 -6.62 3.74 22.38
CA GLU E 145 -6.52 2.28 22.50
C GLU E 145 -7.06 1.61 21.26
N LYS E 146 -8.05 2.24 20.61
CA LYS E 146 -8.57 1.68 19.35
C LYS E 146 -7.49 1.82 18.30
N MET E 147 -6.80 2.94 18.33
CA MET E 147 -5.74 3.24 17.43
C MET E 147 -4.57 2.27 17.57
N ALA E 148 -4.17 1.98 18.82
CA ALA E 148 -3.05 1.06 19.02
C ALA E 148 -3.36 -0.34 18.58
N GLU E 149 -4.58 -0.74 18.80
CA GLU E 149 -5.11 -2.02 18.40
C GLU E 149 -5.17 -2.17 16.91
N TYR E 150 -5.53 -1.14 16.22
CA TYR E 150 -5.57 -1.21 14.76
C TYR E 150 -4.14 -1.23 14.11
N ARG E 151 -3.28 -0.31 14.54
CA ARG E 151 -1.89 -0.39 14.24
C ARG E 151 -1.18 -1.75 14.49
N MET E 152 -1.46 -2.46 15.59
CA MET E 152 -0.98 -3.84 15.77
C MET E 152 -1.51 -4.91 14.78
N MET E 153 -2.80 -4.87 14.51
CA MET E 153 -3.45 -5.72 13.51
C MET E 153 -2.91 -5.48 12.09
N ASN E 154 -2.52 -4.24 11.81
CA ASN E 154 -2.01 -3.82 10.51
C ASN E 154 -0.49 -3.58 10.37
N HIS E 155 0.26 -3.91 11.40
CA HIS E 155 1.64 -3.56 11.41
C HIS E 155 2.44 -4.41 10.40
N ASP E 156 3.19 -3.70 9.54
CA ASP E 156 4.22 -4.31 8.73
C ASP E 156 3.58 -5.33 7.87
N LEU E 157 2.60 -4.89 7.11
CA LEU E 157 1.94 -5.79 6.20
C LEU E 157 2.90 -6.19 5.09
N TYR E 158 3.77 -5.26 4.69
CA TYR E 158 4.79 -5.51 3.68
C TYR E 158 6.14 -5.32 4.30
N PRO E 159 6.73 -6.38 4.86
CA PRO E 159 8.10 -6.23 5.45
C PRO E 159 9.08 -5.71 4.39
N GLU E 160 9.92 -4.74 4.75
CA GLU E 160 10.97 -4.23 3.83
C GLU E 160 12.00 -5.34 3.43
N THR E 161 12.54 -5.28 2.23
CA THR E 161 13.59 -6.22 1.81
C THR E 161 14.90 -6.11 2.67
N ILE E 162 15.35 -7.24 3.19
CA ILE E 162 16.52 -7.30 4.02
C ILE E 162 17.46 -8.40 3.49
N ASP E 163 18.71 -8.03 3.15
CA ASP E 163 19.74 -9.03 2.69
C ASP E 163 21.02 -8.94 3.58
N ASN E 164 20.88 -8.44 4.81
CA ASN E 164 22.04 -8.23 5.71
C ASN E 164 23.23 -7.38 5.24
N ARG E 165 23.02 -6.43 4.33
CA ARG E 165 24.06 -5.61 3.74
C ARG E 165 23.67 -4.12 3.71
#